data_1GXL
#
_entry.id   1GXL
#
_cell.length_a   136.400
_cell.length_b   115.500
_cell.length_c   68.960
_cell.angle_alpha   90.00
_cell.angle_beta   93.70
_cell.angle_gamma   90.00
#
_symmetry.space_group_name_H-M   'C 1 2 1'
#
_entity_poly.entity_id   1
_entity_poly.type   'polypeptide(L)'
_entity_poly.pdbx_seq_one_letter_code
;DAKEKRLREIQFEKEMIERDMREYRGFSRAVRAVFEEKERFPGLVDVVSNLIEVDEKYSLAVSVLLGGTAQNIVVRNVDT
AKAIVEFLKQNEAGRVTILPLDLIDGSFNRISGLENERGFVGYAVDLVKFPSDLEVLGGFLFGNSVVVETLDDAIRMKKK
YRLNTRIATLDGELISGRGAITGGREERSSNVFERRIKLKHLEQEMEETERQI
;
_entity_poly.pdbx_strand_id   A,B,C,D
#
# COMPACT_ATOMS: atom_id res chain seq x y z
N LYS A 3 -50.67 -18.24 -45.64
CA LYS A 3 -50.21 -16.98 -44.99
C LYS A 3 -51.08 -16.69 -43.79
N GLU A 4 -52.33 -17.15 -43.85
CA GLU A 4 -53.25 -16.96 -42.75
C GLU A 4 -53.11 -18.16 -41.84
N LYS A 5 -53.01 -19.33 -42.47
CA LYS A 5 -52.84 -20.59 -41.75
C LYS A 5 -51.45 -20.59 -41.13
N ARG A 6 -50.56 -19.79 -41.70
CA ARG A 6 -49.18 -19.65 -41.25
C ARG A 6 -49.03 -18.70 -40.08
N LEU A 7 -49.42 -17.44 -40.26
CA LEU A 7 -49.33 -16.47 -39.17
C LEU A 7 -50.21 -16.92 -38.00
N ARG A 8 -50.84 -18.08 -38.17
CA ARG A 8 -51.70 -18.65 -37.13
C ARG A 8 -51.06 -19.92 -36.55
N GLU A 9 -50.33 -20.64 -37.39
CA GLU A 9 -49.62 -21.86 -37.00
C GLU A 9 -48.53 -21.36 -36.04
N ILE A 10 -47.84 -20.32 -36.50
CA ILE A 10 -46.76 -19.69 -35.76
C ILE A 10 -47.17 -19.27 -34.36
N GLN A 11 -48.28 -18.55 -34.24
CA GLN A 11 -48.73 -18.14 -32.92
C GLN A 11 -48.97 -19.41 -32.08
N PHE A 12 -49.43 -20.47 -32.73
CA PHE A 12 -49.72 -21.72 -32.04
C PHE A 12 -48.46 -22.38 -31.44
N GLU A 13 -47.36 -22.35 -32.19
CA GLU A 13 -46.14 -22.95 -31.68
C GLU A 13 -45.66 -22.00 -30.60
N LYS A 14 -45.70 -20.73 -30.93
CA LYS A 14 -45.30 -19.67 -30.01
C LYS A 14 -45.89 -19.92 -28.62
N GLU A 15 -47.14 -20.34 -28.55
CA GLU A 15 -47.76 -20.58 -27.27
C GLU A 15 -47.34 -21.86 -26.54
N MET A 16 -47.19 -22.98 -27.24
CA MET A 16 -46.76 -24.21 -26.55
C MET A 16 -45.28 -24.19 -26.10
N ILE A 17 -44.48 -23.35 -26.73
CA ILE A 17 -43.08 -23.20 -26.35
C ILE A 17 -43.10 -22.48 -25.01
N GLU A 18 -44.01 -21.52 -24.88
CA GLU A 18 -44.13 -20.73 -23.67
C GLU A 18 -44.61 -21.52 -22.47
N ARG A 19 -45.51 -22.48 -22.66
CA ARG A 19 -45.97 -23.27 -21.51
C ARG A 19 -44.81 -24.10 -21.01
N ASP A 20 -43.93 -24.51 -21.94
CA ASP A 20 -42.76 -25.31 -21.56
C ASP A 20 -41.85 -24.44 -20.69
N MET A 21 -41.77 -23.15 -21.02
CA MET A 21 -40.96 -22.23 -20.26
C MET A 21 -41.54 -22.03 -18.86
N ARG A 22 -42.73 -21.43 -18.76
CA ARG A 22 -43.32 -21.21 -17.46
C ARG A 22 -43.48 -22.49 -16.63
N GLU A 23 -43.72 -23.61 -17.29
CA GLU A 23 -43.84 -24.87 -16.56
C GLU A 23 -42.44 -25.47 -16.33
N TYR A 24 -41.43 -24.76 -16.81
CA TYR A 24 -40.05 -25.22 -16.67
C TYR A 24 -39.92 -26.69 -17.03
N ARG A 25 -40.62 -27.09 -18.07
CA ARG A 25 -40.57 -28.48 -18.50
C ARG A 25 -39.13 -28.77 -18.92
N GLY A 26 -38.60 -29.89 -18.41
CA GLY A 26 -37.24 -30.25 -18.72
C GLY A 26 -36.22 -30.11 -17.62
N PHE A 27 -36.46 -29.18 -16.69
CA PHE A 27 -35.57 -28.96 -15.55
C PHE A 27 -35.71 -30.09 -14.54
N SER A 28 -35.02 -29.95 -13.41
CA SER A 28 -35.09 -31.01 -12.41
C SER A 28 -36.40 -30.90 -11.60
N ARG A 29 -36.96 -32.05 -11.24
CA ARG A 29 -38.18 -32.04 -10.45
C ARG A 29 -38.04 -30.91 -9.45
N ALA A 30 -36.95 -30.94 -8.69
CA ALA A 30 -36.73 -29.91 -7.69
C ALA A 30 -36.83 -28.51 -8.32
N VAL A 31 -36.04 -28.22 -9.36
CA VAL A 31 -36.14 -26.90 -9.96
C VAL A 31 -37.59 -26.56 -10.29
N ARG A 32 -38.33 -27.56 -10.74
CA ARG A 32 -39.73 -27.39 -11.11
C ARG A 32 -40.59 -27.08 -9.91
N ALA A 33 -40.51 -27.91 -8.89
CA ALA A 33 -41.28 -27.69 -7.66
C ALA A 33 -41.08 -26.25 -7.18
N VAL A 34 -39.84 -25.80 -7.16
CA VAL A 34 -39.56 -24.44 -6.72
C VAL A 34 -40.25 -23.38 -7.58
N PHE A 35 -40.39 -23.61 -8.87
CA PHE A 35 -41.02 -22.58 -9.69
C PHE A 35 -42.54 -22.56 -9.73
N GLU A 36 -43.17 -23.67 -9.39
CA GLU A 36 -44.63 -23.69 -9.38
C GLU A 36 -45.12 -23.18 -8.05
N GLU A 37 -44.18 -22.78 -7.20
CA GLU A 37 -44.48 -22.25 -5.88
C GLU A 37 -43.80 -20.90 -5.85
N LYS A 38 -43.41 -20.42 -7.03
CA LYS A 38 -42.69 -19.17 -7.16
C LYS A 38 -43.22 -17.98 -6.37
N GLU A 39 -44.46 -18.11 -5.88
CA GLU A 39 -45.04 -17.01 -5.11
C GLU A 39 -44.40 -16.97 -3.72
N ARG A 40 -44.18 -18.13 -3.13
CA ARG A 40 -43.58 -18.20 -1.80
C ARG A 40 -42.19 -17.54 -1.76
N PHE A 41 -41.59 -17.33 -2.94
CA PHE A 41 -40.25 -16.76 -3.00
C PHE A 41 -40.10 -15.47 -3.80
N PRO A 42 -40.68 -14.38 -3.31
CA PRO A 42 -40.61 -13.10 -3.99
C PRO A 42 -39.20 -12.69 -4.39
N GLY A 43 -38.20 -13.19 -3.66
CA GLY A 43 -36.82 -12.84 -3.99
C GLY A 43 -36.27 -13.60 -5.19
N LEU A 44 -37.06 -14.57 -5.66
CA LEU A 44 -36.70 -15.38 -6.81
C LEU A 44 -36.52 -14.58 -8.09
N VAL A 45 -35.52 -14.93 -8.89
CA VAL A 45 -35.29 -14.26 -10.17
C VAL A 45 -35.58 -15.27 -11.27
N ASP A 46 -34.56 -15.96 -11.77
CA ASP A 46 -34.77 -16.98 -12.80
C ASP A 46 -33.56 -17.92 -12.80
N VAL A 47 -33.66 -19.03 -13.54
CA VAL A 47 -32.56 -19.97 -13.65
C VAL A 47 -31.55 -19.32 -14.59
N VAL A 48 -30.26 -19.58 -14.37
CA VAL A 48 -29.24 -18.97 -15.22
C VAL A 48 -29.50 -18.92 -16.74
N SER A 49 -29.87 -20.06 -17.34
CA SER A 49 -30.10 -20.13 -18.78
C SER A 49 -31.13 -19.15 -19.33
N ASN A 50 -31.86 -18.48 -18.45
CA ASN A 50 -32.87 -17.52 -18.90
C ASN A 50 -32.45 -16.08 -18.72
N LEU A 51 -31.26 -15.86 -18.13
CA LEU A 51 -30.83 -14.49 -17.89
C LEU A 51 -29.62 -14.11 -18.67
N ILE A 52 -29.16 -14.99 -19.54
CA ILE A 52 -28.01 -14.66 -20.34
C ILE A 52 -28.49 -14.20 -21.69
N GLU A 53 -27.76 -13.26 -22.28
CA GLU A 53 -28.10 -12.78 -23.60
C GLU A 53 -26.92 -13.12 -24.47
N VAL A 54 -27.14 -14.02 -25.43
CA VAL A 54 -26.08 -14.47 -26.32
C VAL A 54 -26.50 -14.61 -27.77
N ASP A 55 -25.62 -14.16 -28.66
CA ASP A 55 -25.86 -14.28 -30.11
C ASP A 55 -26.06 -15.77 -30.32
N GLU A 56 -26.98 -16.20 -31.17
CA GLU A 56 -27.14 -17.63 -31.33
C GLU A 56 -25.97 -18.35 -32.00
N LYS A 57 -25.01 -17.63 -32.55
CA LYS A 57 -23.86 -18.30 -33.15
C LYS A 57 -23.21 -19.03 -31.99
N TYR A 58 -22.85 -18.24 -30.97
CA TYR A 58 -22.18 -18.69 -29.75
C TYR A 58 -23.07 -19.45 -28.77
N SER A 59 -24.38 -19.35 -29.01
CA SER A 59 -25.39 -20.01 -28.21
C SER A 59 -24.92 -21.36 -27.64
N LEU A 60 -24.60 -22.30 -28.52
CA LEU A 60 -24.16 -23.61 -28.11
C LEU A 60 -22.85 -23.53 -27.34
N ALA A 61 -21.95 -22.67 -27.79
CA ALA A 61 -20.67 -22.51 -27.12
C ALA A 61 -20.92 -22.28 -25.63
N VAL A 62 -21.49 -21.14 -25.31
CA VAL A 62 -21.82 -20.76 -23.94
C VAL A 62 -22.56 -21.88 -23.20
N SER A 63 -23.28 -22.68 -23.95
CA SER A 63 -24.04 -23.77 -23.37
C SER A 63 -23.11 -24.78 -22.66
N VAL A 64 -22.12 -25.30 -23.38
CA VAL A 64 -21.22 -26.28 -22.78
C VAL A 64 -20.35 -25.61 -21.73
N LEU A 65 -20.19 -24.30 -21.85
CA LEU A 65 -19.40 -23.55 -20.87
C LEU A 65 -20.05 -23.58 -19.48
N LEU A 66 -21.38 -23.61 -19.45
CA LEU A 66 -22.10 -23.61 -18.17
C LEU A 66 -22.22 -25.00 -17.56
N GLY A 67 -22.82 -25.92 -18.29
CA GLY A 67 -22.99 -27.25 -17.73
C GLY A 67 -24.18 -27.21 -16.80
N GLY A 68 -24.07 -27.91 -15.67
CA GLY A 68 -25.17 -27.96 -14.71
C GLY A 68 -25.52 -26.62 -14.13
N THR A 69 -24.60 -25.67 -14.24
CA THR A 69 -24.83 -24.33 -13.71
C THR A 69 -25.97 -23.64 -14.45
N ALA A 70 -26.39 -24.24 -15.55
CA ALA A 70 -27.46 -23.69 -16.36
C ALA A 70 -28.74 -23.61 -15.55
N GLN A 71 -28.99 -24.61 -14.71
CA GLN A 71 -30.21 -24.57 -13.93
C GLN A 71 -30.00 -24.24 -12.46
N ASN A 72 -29.02 -23.39 -12.20
CA ASN A 72 -28.74 -22.91 -10.87
C ASN A 72 -29.82 -21.83 -10.77
N ILE A 73 -30.43 -21.66 -9.60
CA ILE A 73 -31.46 -20.64 -9.44
C ILE A 73 -30.91 -19.33 -8.89
N VAL A 74 -31.05 -18.25 -9.65
CA VAL A 74 -30.58 -16.95 -9.18
C VAL A 74 -31.65 -16.28 -8.30
N VAL A 75 -31.22 -15.76 -7.16
CA VAL A 75 -32.13 -15.07 -6.26
C VAL A 75 -31.51 -13.75 -5.82
N ARG A 76 -32.36 -12.83 -5.35
CA ARG A 76 -31.92 -11.50 -4.91
C ARG A 76 -31.10 -11.53 -3.62
N ASN A 77 -31.54 -12.31 -2.64
CA ASN A 77 -30.85 -12.36 -1.37
C ASN A 77 -30.82 -13.73 -0.70
N VAL A 78 -29.95 -13.83 0.31
CA VAL A 78 -29.75 -15.05 1.05
C VAL A 78 -31.00 -15.60 1.73
N ASP A 79 -31.90 -14.72 2.13
CA ASP A 79 -33.10 -15.19 2.81
C ASP A 79 -33.95 -16.05 1.87
N THR A 80 -34.09 -15.56 0.64
CA THR A 80 -34.86 -16.28 -0.37
C THR A 80 -34.23 -17.66 -0.54
N ALA A 81 -32.91 -17.70 -0.47
CA ALA A 81 -32.17 -18.94 -0.58
C ALA A 81 -32.57 -19.86 0.56
N LYS A 82 -32.46 -19.36 1.78
CA LYS A 82 -32.80 -20.14 2.95
C LYS A 82 -34.23 -20.66 2.85
N ALA A 83 -35.12 -19.80 2.33
CA ALA A 83 -36.53 -20.14 2.19
C ALA A 83 -36.67 -21.36 1.31
N ILE A 84 -36.01 -21.31 0.15
CA ILE A 84 -36.06 -22.40 -0.82
C ILE A 84 -35.47 -23.68 -0.27
N VAL A 85 -34.28 -23.57 0.32
CA VAL A 85 -33.62 -24.73 0.90
C VAL A 85 -34.54 -25.39 1.93
N GLU A 86 -35.26 -24.57 2.67
CA GLU A 86 -36.16 -25.11 3.69
C GLU A 86 -37.37 -25.77 3.05
N PHE A 87 -37.94 -25.09 2.05
CA PHE A 87 -39.10 -25.59 1.33
C PHE A 87 -38.79 -26.98 0.78
N LEU A 88 -37.67 -27.10 0.08
CA LEU A 88 -37.27 -28.36 -0.52
C LEU A 88 -37.01 -29.42 0.55
N LYS A 89 -36.26 -29.04 1.58
CA LYS A 89 -35.91 -29.95 2.66
C LYS A 89 -37.14 -30.59 3.34
N GLN A 90 -38.27 -29.88 3.30
CA GLN A 90 -39.52 -30.37 3.90
C GLN A 90 -40.16 -31.46 3.05
N ASN A 91 -40.53 -31.09 1.83
CA ASN A 91 -41.18 -32.00 0.90
C ASN A 91 -40.25 -32.97 0.18
N GLU A 92 -39.00 -33.06 0.64
CA GLU A 92 -38.02 -33.95 0.03
C GLU A 92 -38.11 -33.94 -1.51
N ALA A 93 -38.28 -32.75 -2.07
CA ALA A 93 -38.40 -32.57 -3.51
C ALA A 93 -37.08 -32.60 -4.27
N GLY A 94 -35.97 -32.80 -3.55
CA GLY A 94 -34.67 -32.82 -4.21
C GLY A 94 -33.78 -31.65 -3.85
N ARG A 95 -32.60 -31.62 -4.45
CA ARG A 95 -31.65 -30.54 -4.16
C ARG A 95 -31.53 -29.63 -5.35
N VAL A 96 -31.04 -28.42 -5.11
CA VAL A 96 -30.81 -27.44 -6.16
C VAL A 96 -29.65 -26.56 -5.74
N THR A 97 -29.14 -25.76 -6.66
CA THR A 97 -28.05 -24.87 -6.33
C THR A 97 -28.54 -23.48 -6.57
N ILE A 98 -28.48 -22.69 -5.49
CA ILE A 98 -28.94 -21.31 -5.47
C ILE A 98 -27.78 -20.34 -5.49
N LEU A 99 -27.90 -19.31 -6.32
CA LEU A 99 -26.89 -18.26 -6.42
C LEU A 99 -27.45 -16.95 -5.91
N PRO A 100 -27.26 -16.64 -4.62
CA PRO A 100 -27.78 -15.37 -4.08
C PRO A 100 -26.92 -14.18 -4.53
N LEU A 101 -27.57 -13.20 -5.14
CA LEU A 101 -26.87 -12.03 -5.65
C LEU A 101 -26.07 -11.29 -4.61
N ASP A 102 -26.50 -11.40 -3.36
CA ASP A 102 -25.86 -10.70 -2.26
C ASP A 102 -24.80 -11.52 -1.58
N LEU A 103 -24.42 -12.64 -2.19
CA LEU A 103 -23.41 -13.52 -1.61
C LEU A 103 -22.34 -14.04 -2.56
N ILE A 104 -22.70 -14.28 -3.84
CA ILE A 104 -21.72 -14.77 -4.81
C ILE A 104 -20.62 -13.77 -5.12
N ASP A 105 -19.42 -14.30 -5.33
CA ASP A 105 -18.26 -13.47 -5.64
C ASP A 105 -18.19 -13.26 -7.13
N GLY A 106 -18.12 -12.01 -7.56
CA GLY A 106 -18.05 -11.73 -8.99
C GLY A 106 -16.70 -11.22 -9.42
N SER A 107 -15.75 -11.19 -8.50
CA SER A 107 -14.40 -10.71 -8.82
C SER A 107 -13.76 -11.60 -9.86
N PHE A 108 -12.91 -11.02 -10.70
CA PHE A 108 -12.23 -11.77 -11.75
C PHE A 108 -11.04 -10.96 -12.21
N ASN A 109 -9.96 -11.64 -12.58
CA ASN A 109 -8.79 -10.91 -13.06
C ASN A 109 -8.28 -11.23 -14.46
N ARG A 110 -7.75 -10.20 -15.10
CA ARG A 110 -7.19 -10.32 -16.43
C ARG A 110 -5.69 -10.41 -16.20
N ILE A 111 -4.98 -11.12 -17.08
CA ILE A 111 -3.54 -11.23 -16.94
C ILE A 111 -2.90 -10.66 -18.19
N SER A 112 -1.78 -9.97 -18.03
CA SER A 112 -1.10 -9.39 -19.18
C SER A 112 -0.35 -10.44 -19.98
N GLY A 113 -0.43 -10.34 -21.30
CA GLY A 113 0.27 -11.28 -22.15
C GLY A 113 -0.48 -12.58 -22.42
N LEU A 114 -1.55 -12.82 -21.68
CA LEU A 114 -2.31 -14.04 -21.88
C LEU A 114 -2.77 -14.16 -23.32
N GLU A 115 -3.22 -13.05 -23.90
CA GLU A 115 -3.68 -13.05 -25.28
C GLU A 115 -2.56 -13.45 -26.23
N ASN A 116 -1.32 -13.38 -25.75
CA ASN A 116 -0.18 -13.76 -26.56
C ASN A 116 0.30 -15.16 -26.24
N GLU A 117 -0.58 -15.98 -25.66
CA GLU A 117 -0.22 -17.34 -25.29
C GLU A 117 -0.67 -18.33 -26.36
N ARG A 118 0.04 -19.44 -26.48
CA ARG A 118 -0.25 -20.47 -27.47
C ARG A 118 -1.68 -20.96 -27.56
N GLY A 119 -2.33 -20.68 -28.68
CA GLY A 119 -3.69 -21.14 -28.86
C GLY A 119 -4.76 -20.32 -28.20
N PHE A 120 -4.43 -19.14 -27.67
CA PHE A 120 -5.42 -18.28 -27.04
C PHE A 120 -6.60 -18.07 -28.02
N VAL A 121 -7.74 -17.60 -27.54
CA VAL A 121 -8.90 -17.39 -28.41
C VAL A 121 -9.87 -16.39 -27.80
N GLY A 122 -9.49 -15.72 -26.73
CA GLY A 122 -10.37 -14.73 -26.14
C GLY A 122 -11.00 -15.07 -24.82
N TYR A 123 -11.53 -14.03 -24.16
CA TYR A 123 -12.18 -14.19 -22.87
C TYR A 123 -13.62 -14.64 -22.99
N ALA A 124 -14.03 -15.54 -22.11
CA ALA A 124 -15.39 -16.04 -22.12
C ALA A 124 -16.40 -14.93 -21.91
N VAL A 125 -16.09 -13.99 -21.03
CA VAL A 125 -17.02 -12.89 -20.75
C VAL A 125 -17.43 -12.17 -22.03
N ASP A 126 -16.52 -12.11 -22.99
CA ASP A 126 -16.78 -11.43 -24.25
C ASP A 126 -17.82 -12.10 -25.13
N LEU A 127 -18.43 -13.18 -24.68
CA LEU A 127 -19.46 -13.85 -25.48
C LEU A 127 -20.82 -13.77 -24.82
N VAL A 128 -20.97 -12.88 -23.86
CA VAL A 128 -22.23 -12.78 -23.15
C VAL A 128 -22.60 -11.35 -22.76
N LYS A 129 -23.88 -11.13 -22.54
CA LYS A 129 -24.38 -9.83 -22.13
C LYS A 129 -25.26 -10.01 -20.91
N PHE A 130 -25.20 -9.04 -19.99
CA PHE A 130 -26.00 -9.10 -18.77
C PHE A 130 -26.72 -7.78 -18.46
N PRO A 131 -27.95 -7.87 -17.94
CA PRO A 131 -28.72 -6.68 -17.61
C PRO A 131 -28.21 -5.82 -16.45
N SER A 132 -26.92 -5.46 -16.49
CA SER A 132 -26.32 -4.60 -15.45
C SER A 132 -26.64 -4.96 -13.99
N ASP A 133 -27.91 -4.99 -13.62
CA ASP A 133 -28.28 -5.33 -12.25
C ASP A 133 -27.89 -6.79 -12.00
N LEU A 134 -27.22 -7.39 -12.99
CA LEU A 134 -26.76 -8.76 -12.88
C LEU A 134 -25.26 -8.88 -13.20
N GLU A 135 -24.58 -7.74 -13.27
CA GLU A 135 -23.16 -7.71 -13.58
C GLU A 135 -22.33 -8.72 -12.77
N VAL A 136 -22.61 -8.87 -11.48
CA VAL A 136 -21.83 -9.83 -10.69
C VAL A 136 -22.05 -11.23 -11.23
N LEU A 137 -23.32 -11.61 -11.41
CA LEU A 137 -23.64 -12.93 -11.93
C LEU A 137 -22.70 -13.22 -13.11
N GLY A 138 -22.35 -12.18 -13.85
CA GLY A 138 -21.47 -12.32 -14.99
C GLY A 138 -20.06 -12.66 -14.59
N GLY A 139 -19.49 -11.89 -13.66
CA GLY A 139 -18.13 -12.15 -13.22
C GLY A 139 -18.05 -13.49 -12.51
N PHE A 140 -19.16 -13.90 -11.89
CA PHE A 140 -19.22 -15.16 -11.18
C PHE A 140 -19.19 -16.32 -12.15
N LEU A 141 -20.02 -16.23 -13.20
CA LEU A 141 -20.11 -17.30 -14.21
C LEU A 141 -18.95 -17.35 -15.20
N PHE A 142 -18.44 -16.18 -15.56
CA PHE A 142 -17.32 -16.11 -16.51
C PHE A 142 -16.32 -15.09 -15.98
N GLY A 143 -15.66 -14.39 -16.89
CA GLY A 143 -14.72 -13.38 -16.46
C GLY A 143 -13.43 -13.98 -15.94
N ASN A 144 -13.53 -15.17 -15.37
CA ASN A 144 -12.35 -15.83 -14.87
C ASN A 144 -12.07 -17.02 -15.79
N SER A 145 -12.91 -17.16 -16.81
CA SER A 145 -12.80 -18.24 -17.78
C SER A 145 -12.19 -17.74 -19.07
N VAL A 146 -11.50 -18.62 -19.78
CA VAL A 146 -10.83 -18.29 -21.03
C VAL A 146 -11.02 -19.43 -22.01
N VAL A 147 -11.13 -19.09 -23.29
CA VAL A 147 -11.29 -20.10 -24.32
C VAL A 147 -9.99 -20.28 -25.10
N VAL A 148 -9.63 -21.52 -25.39
CA VAL A 148 -8.42 -21.80 -26.16
C VAL A 148 -8.79 -22.73 -27.31
N GLU A 149 -7.80 -23.16 -28.08
CA GLU A 149 -8.06 -24.03 -29.22
C GLU A 149 -8.22 -25.51 -28.90
N THR A 150 -7.16 -26.09 -28.35
CA THR A 150 -7.12 -27.50 -28.00
C THR A 150 -6.82 -27.78 -26.53
N LEU A 151 -7.20 -28.97 -26.08
CA LEU A 151 -6.98 -29.39 -24.70
C LEU A 151 -5.50 -29.34 -24.31
N ASP A 152 -4.62 -29.44 -25.30
CA ASP A 152 -3.20 -29.40 -25.00
C ASP A 152 -2.82 -27.99 -24.65
N ASP A 153 -3.38 -27.04 -25.40
CA ASP A 153 -3.11 -25.65 -25.14
C ASP A 153 -3.54 -25.40 -23.71
N ALA A 154 -4.72 -25.94 -23.39
CA ALA A 154 -5.31 -25.80 -22.07
C ALA A 154 -4.38 -26.35 -20.97
N ILE A 155 -3.97 -27.60 -21.10
CA ILE A 155 -3.11 -28.20 -20.09
C ILE A 155 -1.82 -27.39 -19.92
N ARG A 156 -1.21 -26.97 -21.04
CA ARG A 156 0.03 -26.20 -20.96
C ARG A 156 -0.21 -24.93 -20.18
N MET A 157 -1.20 -24.16 -20.61
CA MET A 157 -1.57 -22.91 -19.95
C MET A 157 -1.80 -23.10 -18.46
N LYS A 158 -2.63 -24.08 -18.11
CA LYS A 158 -2.95 -24.38 -16.72
C LYS A 158 -1.71 -24.69 -15.89
N LYS A 159 -0.66 -25.20 -16.51
CA LYS A 159 0.57 -25.51 -15.79
C LYS A 159 1.47 -24.30 -15.64
N LYS A 160 1.47 -23.43 -16.65
CA LYS A 160 2.31 -22.23 -16.65
C LYS A 160 1.86 -21.23 -15.59
N TYR A 161 0.63 -20.76 -15.71
CA TYR A 161 0.11 -19.78 -14.77
C TYR A 161 -0.39 -20.43 -13.50
N ARG A 162 -0.65 -21.73 -13.58
CA ARG A 162 -1.12 -22.50 -12.44
C ARG A 162 -1.94 -21.66 -11.46
N LEU A 163 -2.99 -21.05 -11.97
CA LEU A 163 -3.88 -20.25 -11.13
C LEU A 163 -5.21 -20.98 -11.00
N ASN A 164 -6.27 -20.20 -10.83
CA ASN A 164 -7.61 -20.79 -10.71
C ASN A 164 -8.49 -20.26 -11.84
N THR A 165 -7.96 -20.28 -13.05
CA THR A 165 -8.73 -19.82 -14.19
C THR A 165 -9.40 -21.00 -14.89
N ARG A 166 -10.66 -20.84 -15.27
CA ARG A 166 -11.39 -21.88 -15.97
C ARG A 166 -10.97 -21.81 -17.43
N ILE A 167 -10.89 -22.94 -18.10
CA ILE A 167 -10.45 -22.96 -19.48
C ILE A 167 -11.26 -23.93 -20.31
N ALA A 168 -11.79 -23.45 -21.43
CA ALA A 168 -12.60 -24.28 -22.32
C ALA A 168 -11.93 -24.34 -23.66
N THR A 169 -11.92 -25.52 -24.27
CA THR A 169 -11.31 -25.70 -25.58
C THR A 169 -12.43 -25.57 -26.59
N LEU A 170 -12.05 -25.49 -27.86
CA LEU A 170 -13.02 -25.35 -28.94
C LEU A 170 -13.76 -26.65 -29.21
N ASP A 171 -13.17 -27.74 -28.75
CA ASP A 171 -13.79 -29.05 -28.91
C ASP A 171 -14.81 -29.31 -27.83
N GLY A 172 -14.77 -28.51 -26.76
CA GLY A 172 -15.73 -28.70 -25.70
C GLY A 172 -15.17 -29.15 -24.34
N GLU A 173 -13.88 -29.42 -24.25
CA GLU A 173 -13.29 -29.81 -22.98
C GLU A 173 -13.26 -28.59 -22.07
N LEU A 174 -13.08 -28.86 -20.78
CA LEU A 174 -13.01 -27.81 -19.77
C LEU A 174 -12.01 -28.22 -18.70
N ILE A 175 -11.23 -27.25 -18.21
CA ILE A 175 -10.30 -27.54 -17.12
C ILE A 175 -10.70 -26.58 -16.02
N SER A 176 -11.19 -27.11 -14.90
CA SER A 176 -11.61 -26.28 -13.77
C SER A 176 -10.42 -25.52 -13.23
N GLY A 177 -10.69 -24.48 -12.46
CA GLY A 177 -9.62 -23.72 -11.86
C GLY A 177 -8.60 -24.56 -11.09
N ARG A 178 -9.04 -25.64 -10.42
CA ARG A 178 -8.09 -26.46 -9.65
C ARG A 178 -7.46 -27.57 -10.45
N GLY A 179 -7.91 -27.80 -11.68
CA GLY A 179 -7.29 -28.84 -12.48
C GLY A 179 -8.13 -29.99 -13.00
N ALA A 180 -9.41 -30.04 -12.63
CA ALA A 180 -10.24 -31.13 -13.11
C ALA A 180 -10.55 -30.99 -14.60
N ILE A 181 -10.41 -32.10 -15.35
CA ILE A 181 -10.68 -32.09 -16.78
C ILE A 181 -11.98 -32.78 -17.16
N THR A 182 -12.91 -32.02 -17.73
CA THR A 182 -14.19 -32.57 -18.15
C THR A 182 -14.17 -32.61 -19.66
N GLY A 183 -14.62 -33.71 -20.24
CA GLY A 183 -14.64 -33.83 -21.68
C GLY A 183 -15.50 -34.97 -22.14
N GLY A 184 -15.49 -35.21 -23.46
CA GLY A 184 -16.28 -36.28 -24.03
C GLY A 184 -17.43 -35.69 -24.81
N ARG A 185 -17.92 -36.47 -25.78
CA ARG A 185 -19.03 -36.10 -26.66
C ARG A 185 -20.24 -36.92 -26.24
N GLU A 186 -21.44 -36.44 -26.52
CA GLU A 186 -22.65 -37.15 -26.09
C GLU A 186 -23.84 -36.61 -26.84
N GLU A 187 -24.35 -37.38 -27.82
CA GLU A 187 -25.46 -36.93 -28.67
C GLU A 187 -25.58 -35.42 -28.69
N ARG A 188 -24.68 -34.79 -29.46
CA ARG A 188 -24.55 -33.34 -29.66
C ARG A 188 -25.67 -32.41 -29.21
N SER A 189 -25.35 -31.12 -29.25
CA SER A 189 -26.26 -30.05 -28.89
C SER A 189 -26.65 -29.91 -27.40
N SER A 190 -27.86 -30.34 -27.06
CA SER A 190 -28.36 -30.14 -25.70
C SER A 190 -28.04 -28.68 -25.48
N ASN A 191 -28.69 -27.84 -26.28
CA ASN A 191 -28.50 -26.41 -26.21
C ASN A 191 -29.47 -25.69 -25.29
N VAL A 192 -28.88 -25.18 -24.23
CA VAL A 192 -29.55 -24.46 -23.17
C VAL A 192 -30.46 -23.30 -23.61
N PHE A 193 -30.20 -22.72 -24.77
CA PHE A 193 -30.99 -21.58 -25.27
C PHE A 193 -31.90 -21.81 -26.49
N GLU A 194 -31.80 -22.99 -27.11
CA GLU A 194 -32.59 -23.33 -28.31
C GLU A 194 -34.03 -22.86 -28.24
N ARG A 195 -34.59 -22.90 -27.04
CA ARG A 195 -35.97 -22.54 -26.82
C ARG A 195 -36.22 -21.04 -26.87
N ARG A 196 -35.43 -20.30 -26.12
CA ARG A 196 -35.58 -18.86 -26.11
C ARG A 196 -35.30 -18.32 -27.51
N ILE A 197 -34.33 -18.93 -28.18
CA ILE A 197 -33.90 -18.58 -29.53
C ILE A 197 -34.97 -18.80 -30.61
N LYS A 198 -35.81 -19.82 -30.44
CA LYS A 198 -36.85 -20.06 -31.43
C LYS A 198 -38.04 -19.16 -31.15
N LEU A 199 -38.38 -19.02 -29.88
CA LEU A 199 -39.49 -18.17 -29.50
C LEU A 199 -39.22 -16.78 -30.06
N LYS A 200 -37.95 -16.44 -30.23
CA LYS A 200 -37.59 -15.14 -30.77
C LYS A 200 -37.62 -15.23 -32.29
N HIS A 201 -37.41 -16.43 -32.80
CA HIS A 201 -37.44 -16.65 -34.24
C HIS A 201 -38.88 -16.57 -34.73
N LEU A 202 -39.80 -17.19 -34.00
CA LEU A 202 -41.20 -17.17 -34.38
C LEU A 202 -41.66 -15.73 -34.44
N GLU A 203 -41.00 -14.86 -33.67
CA GLU A 203 -41.38 -13.45 -33.71
C GLU A 203 -41.08 -12.91 -35.11
N GLN A 204 -39.80 -12.92 -35.47
CA GLN A 204 -39.41 -12.42 -36.78
C GLN A 204 -40.13 -13.06 -37.97
N GLU A 205 -40.84 -14.18 -37.75
CA GLU A 205 -41.58 -14.81 -38.84
C GLU A 205 -42.94 -14.14 -38.97
N MET A 206 -43.41 -13.49 -37.91
CA MET A 206 -44.69 -12.79 -37.94
C MET A 206 -44.55 -11.45 -38.68
N GLU A 207 -43.51 -10.72 -38.31
CA GLU A 207 -43.20 -9.41 -38.90
C GLU A 207 -42.47 -9.50 -40.25
N LYS B 3 -31.08 -70.58 11.06
CA LYS B 3 -29.73 -70.04 11.43
C LYS B 3 -28.75 -70.11 10.25
N GLU B 4 -28.82 -71.20 9.47
CA GLU B 4 -27.94 -71.31 8.31
C GLU B 4 -28.48 -70.37 7.24
N LYS B 5 -29.81 -70.32 7.10
CA LYS B 5 -30.45 -69.44 6.13
C LYS B 5 -30.07 -68.02 6.49
N ARG B 6 -29.58 -67.83 7.71
CA ARG B 6 -29.16 -66.53 8.14
C ARG B 6 -27.93 -66.13 7.31
N LEU B 7 -27.02 -67.06 7.04
CA LEU B 7 -25.86 -66.73 6.19
C LEU B 7 -26.26 -66.68 4.73
N ARG B 8 -27.07 -67.64 4.31
CA ARG B 8 -27.54 -67.69 2.93
C ARG B 8 -28.08 -66.32 2.60
N GLU B 9 -28.71 -65.68 3.58
CA GLU B 9 -29.26 -64.34 3.37
C GLU B 9 -28.17 -63.26 3.44
N ILE B 10 -27.14 -63.47 4.25
CA ILE B 10 -26.06 -62.47 4.35
C ILE B 10 -25.19 -62.51 3.09
N GLN B 11 -24.63 -63.69 2.85
CA GLN B 11 -23.77 -63.98 1.73
C GLN B 11 -24.33 -63.35 0.45
N PHE B 12 -25.60 -63.63 0.17
CA PHE B 12 -26.30 -63.13 -1.00
C PHE B 12 -26.46 -61.62 -1.06
N GLU B 13 -25.52 -60.89 -0.48
CA GLU B 13 -25.56 -59.42 -0.51
C GLU B 13 -24.24 -58.87 -0.01
N LYS B 14 -23.62 -59.57 0.94
CA LYS B 14 -22.32 -59.15 1.44
C LYS B 14 -21.37 -59.28 0.25
N GLU B 15 -21.88 -59.83 -0.83
CA GLU B 15 -21.10 -60.01 -2.05
C GLU B 15 -21.95 -59.76 -3.27
N MET B 16 -23.26 -59.97 -3.16
CA MET B 16 -24.13 -59.72 -4.29
C MET B 16 -24.07 -58.22 -4.53
N ILE B 17 -23.49 -57.51 -3.56
CA ILE B 17 -23.33 -56.06 -3.64
C ILE B 17 -21.92 -55.75 -4.16
N GLU B 18 -20.95 -56.58 -3.77
CA GLU B 18 -19.56 -56.41 -4.21
C GLU B 18 -19.55 -56.38 -5.71
N ARG B 19 -20.59 -56.96 -6.30
CA ARG B 19 -20.77 -57.03 -7.73
C ARG B 19 -21.10 -55.63 -8.27
N ASP B 20 -22.22 -55.07 -7.83
CA ASP B 20 -22.60 -53.72 -8.27
C ASP B 20 -21.38 -52.82 -8.17
N MET B 21 -20.60 -53.01 -7.10
CA MET B 21 -19.39 -52.23 -6.84
C MET B 21 -18.32 -52.42 -7.90
N ARG B 22 -17.95 -53.69 -8.09
CA ARG B 22 -16.93 -54.08 -9.05
C ARG B 22 -17.53 -54.10 -10.45
N GLU B 23 -18.51 -53.25 -10.68
CA GLU B 23 -19.18 -53.19 -11.97
C GLU B 23 -19.79 -51.79 -12.10
N TYR B 24 -19.56 -50.98 -11.06
CA TYR B 24 -20.04 -49.61 -10.97
C TYR B 24 -21.46 -49.46 -11.53
N ARG B 25 -22.46 -49.84 -10.74
CA ARG B 25 -23.83 -49.73 -11.21
C ARG B 25 -24.41 -48.34 -11.04
N GLY B 26 -24.03 -47.63 -9.99
CA GLY B 26 -24.61 -46.33 -9.84
C GLY B 26 -24.07 -45.24 -10.75
N PHE B 27 -22.97 -45.52 -11.43
CA PHE B 27 -22.35 -44.50 -12.27
C PHE B 27 -22.79 -44.38 -13.71
N SER B 28 -22.50 -43.23 -14.32
CA SER B 28 -22.86 -42.93 -15.71
C SER B 28 -22.33 -43.90 -16.79
N ARG B 29 -23.07 -43.99 -17.89
CA ARG B 29 -22.71 -44.85 -19.02
C ARG B 29 -21.23 -44.66 -19.25
N ALA B 30 -20.86 -43.38 -19.26
CA ALA B 30 -19.50 -42.96 -19.49
C ALA B 30 -18.53 -43.54 -18.47
N VAL B 31 -18.74 -43.28 -17.18
CA VAL B 31 -17.79 -43.83 -16.20
C VAL B 31 -17.63 -45.34 -16.38
N ARG B 32 -18.74 -46.01 -16.74
CA ARG B 32 -18.72 -47.45 -16.98
C ARG B 32 -17.88 -47.83 -18.21
N ALA B 33 -18.19 -47.21 -19.35
CA ALA B 33 -17.44 -47.48 -20.57
C ALA B 33 -15.94 -47.36 -20.29
N VAL B 34 -15.56 -46.32 -19.56
CA VAL B 34 -14.17 -46.11 -19.25
C VAL B 34 -13.56 -47.26 -18.45
N PHE B 35 -14.34 -47.84 -17.54
CA PHE B 35 -13.78 -48.92 -16.74
C PHE B 35 -13.75 -50.32 -17.35
N GLU B 36 -14.59 -50.59 -18.34
CA GLU B 36 -14.55 -51.90 -18.97
C GLU B 36 -13.48 -51.88 -20.06
N GLU B 37 -12.79 -50.75 -20.17
CA GLU B 37 -11.73 -50.60 -21.15
C GLU B 37 -10.49 -50.20 -20.36
N LYS B 38 -10.59 -50.38 -19.05
CA LYS B 38 -9.53 -50.01 -18.14
C LYS B 38 -8.12 -50.42 -18.54
N GLU B 39 -7.99 -51.33 -19.51
CA GLU B 39 -6.66 -51.75 -19.94
C GLU B 39 -6.02 -50.64 -20.78
N ARG B 40 -6.83 -49.99 -21.62
CA ARG B 40 -6.34 -48.92 -22.47
C ARG B 40 -5.74 -47.78 -21.64
N PHE B 41 -6.05 -47.77 -20.35
CA PHE B 41 -5.60 -46.68 -19.49
C PHE B 41 -4.79 -47.10 -18.27
N PRO B 42 -3.58 -47.61 -18.49
CA PRO B 42 -2.73 -48.04 -17.37
C PRO B 42 -2.58 -46.97 -16.27
N GLY B 43 -2.66 -45.69 -16.63
CA GLY B 43 -2.51 -44.66 -15.61
C GLY B 43 -3.75 -44.46 -14.74
N LEU B 44 -4.79 -45.21 -15.08
CA LEU B 44 -6.06 -45.13 -14.36
C LEU B 44 -5.92 -45.60 -12.91
N VAL B 45 -6.64 -44.96 -12.00
CA VAL B 45 -6.59 -45.36 -10.61
C VAL B 45 -7.99 -45.88 -10.25
N ASP B 46 -8.83 -45.03 -9.68
CA ASP B 46 -10.19 -45.43 -9.36
C ASP B 46 -11.06 -44.17 -9.23
N VAL B 47 -12.37 -44.35 -9.11
CA VAL B 47 -13.27 -43.21 -8.92
C VAL B 47 -13.12 -42.78 -7.46
N VAL B 48 -13.29 -41.49 -7.18
CA VAL B 48 -13.12 -40.99 -5.83
C VAL B 48 -13.74 -41.79 -4.68
N SER B 49 -15.01 -42.15 -4.81
CA SER B 49 -15.70 -42.90 -3.74
C SER B 49 -15.05 -44.24 -3.34
N ASN B 50 -14.07 -44.72 -4.09
CA ASN B 50 -13.41 -45.97 -3.76
C ASN B 50 -12.05 -45.74 -3.13
N LEU B 51 -11.61 -44.49 -3.06
CA LEU B 51 -10.30 -44.18 -2.51
C LEU B 51 -10.39 -43.39 -1.23
N ILE B 52 -11.61 -43.02 -0.81
CA ILE B 52 -11.77 -42.27 0.44
C ILE B 52 -12.26 -43.08 1.63
N GLU B 53 -11.60 -42.87 2.78
CA GLU B 53 -11.92 -43.56 4.02
C GLU B 53 -12.64 -42.61 4.98
N VAL B 54 -13.95 -42.76 5.13
CA VAL B 54 -14.68 -41.88 6.04
C VAL B 54 -15.37 -42.74 7.09
N ASP B 55 -15.55 -42.23 8.31
CA ASP B 55 -16.18 -43.06 9.33
C ASP B 55 -17.68 -43.18 9.18
N GLU B 56 -18.13 -44.43 9.23
CA GLU B 56 -19.52 -44.84 9.11
C GLU B 56 -20.40 -43.73 9.64
N LYS B 57 -19.87 -42.97 10.59
CA LYS B 57 -20.60 -41.85 11.17
C LYS B 57 -20.89 -40.82 10.09
N TYR B 58 -20.09 -39.74 10.04
CA TYR B 58 -20.24 -38.66 9.04
C TYR B 58 -20.25 -39.16 7.58
N SER B 59 -20.54 -40.44 7.41
CA SER B 59 -20.62 -41.07 6.11
C SER B 59 -21.33 -40.02 5.23
N LEU B 60 -22.56 -39.75 5.61
CA LEU B 60 -23.41 -38.79 4.92
C LEU B 60 -22.86 -37.38 4.90
N ALA B 61 -21.93 -37.09 5.79
CA ALA B 61 -21.39 -35.74 5.87
C ALA B 61 -20.66 -35.44 4.59
N VAL B 62 -19.41 -35.91 4.55
CA VAL B 62 -18.51 -35.78 3.41
C VAL B 62 -19.29 -35.82 2.11
N SER B 63 -20.03 -36.92 1.93
CA SER B 63 -20.83 -37.12 0.75
C SER B 63 -21.34 -35.84 0.14
N VAL B 64 -21.94 -34.99 0.98
CA VAL B 64 -22.49 -33.73 0.51
C VAL B 64 -21.41 -32.78 0.04
N LEU B 65 -20.30 -32.73 0.76
CA LEU B 65 -19.20 -31.84 0.37
C LEU B 65 -18.66 -32.24 -0.97
N LEU B 66 -18.81 -33.51 -1.32
CA LEU B 66 -18.30 -34.00 -2.60
C LEU B 66 -19.19 -33.72 -3.79
N GLY B 67 -20.47 -34.03 -3.68
CA GLY B 67 -21.35 -33.84 -4.83
C GLY B 67 -20.91 -34.86 -5.84
N GLY B 68 -21.35 -34.68 -7.07
CA GLY B 68 -21.00 -35.57 -8.17
C GLY B 68 -19.51 -35.86 -8.30
N THR B 69 -18.71 -35.22 -7.46
CA THR B 69 -17.29 -35.46 -7.46
C THR B 69 -17.01 -36.90 -7.05
N ALA B 70 -18.03 -37.57 -6.51
CA ALA B 70 -17.88 -38.95 -6.08
C ALA B 70 -17.42 -39.82 -7.24
N GLN B 71 -17.97 -39.54 -8.42
CA GLN B 71 -17.58 -40.30 -9.58
C GLN B 71 -16.64 -39.63 -10.55
N ASN B 72 -15.74 -38.84 -10.00
CA ASN B 72 -14.72 -38.21 -10.80
C ASN B 72 -13.69 -39.32 -10.87
N ILE B 73 -13.02 -39.47 -12.00
CA ILE B 73 -12.03 -40.51 -12.14
C ILE B 73 -10.64 -40.00 -11.83
N VAL B 74 -9.98 -40.62 -10.86
CA VAL B 74 -8.60 -40.24 -10.51
C VAL B 74 -7.61 -40.99 -11.39
N VAL B 75 -6.66 -40.26 -11.95
CA VAL B 75 -5.62 -40.86 -12.78
C VAL B 75 -4.25 -40.36 -12.34
N ARG B 76 -3.21 -41.10 -12.71
CA ARG B 76 -1.84 -40.76 -12.33
C ARG B 76 -1.30 -39.50 -13.02
N ASN B 77 -1.54 -39.39 -14.32
CA ASN B 77 -1.05 -38.26 -15.09
C ASN B 77 -1.99 -37.74 -16.16
N VAL B 78 -1.65 -36.55 -16.66
CA VAL B 78 -2.42 -35.87 -17.68
C VAL B 78 -2.61 -36.67 -18.97
N ASP B 79 -1.61 -37.45 -19.35
CA ASP B 79 -1.72 -38.20 -20.59
C ASP B 79 -2.88 -39.19 -20.54
N THR B 80 -2.99 -39.88 -19.40
CA THR B 80 -4.07 -40.84 -19.20
C THR B 80 -5.40 -40.12 -19.35
N ALA B 81 -5.41 -38.87 -18.87
CA ALA B 81 -6.60 -38.03 -18.96
C ALA B 81 -6.93 -37.79 -20.41
N LYS B 82 -5.93 -37.31 -21.16
CA LYS B 82 -6.11 -37.03 -22.58
C LYS B 82 -6.59 -38.29 -23.32
N ALA B 83 -6.01 -39.43 -22.94
CA ALA B 83 -6.38 -40.70 -23.53
C ALA B 83 -7.87 -40.97 -23.36
N ILE B 84 -8.34 -40.80 -22.13
CA ILE B 84 -9.74 -41.04 -21.81
C ILE B 84 -10.64 -40.06 -22.55
N VAL B 85 -10.31 -38.78 -22.46
CA VAL B 85 -11.10 -37.75 -23.12
C VAL B 85 -11.22 -38.05 -24.60
N GLU B 86 -10.15 -38.59 -25.17
CA GLU B 86 -10.18 -38.91 -26.59
C GLU B 86 -11.04 -40.14 -26.83
N PHE B 87 -10.87 -41.15 -25.98
CA PHE B 87 -11.64 -42.38 -26.08
C PHE B 87 -13.14 -42.10 -26.06
N LEU B 88 -13.57 -41.31 -25.08
CA LEU B 88 -14.98 -40.98 -24.96
C LEU B 88 -15.46 -40.14 -26.13
N LYS B 89 -14.64 -39.17 -26.53
CA LYS B 89 -14.99 -38.27 -27.63
C LYS B 89 -15.24 -39.03 -28.95
N GLN B 90 -14.59 -40.17 -29.11
CA GLN B 90 -14.77 -40.97 -30.32
C GLN B 90 -16.11 -41.69 -30.34
N ASN B 91 -16.32 -42.54 -29.34
CA ASN B 91 -17.54 -43.34 -29.23
C ASN B 91 -18.74 -42.60 -28.65
N GLU B 92 -18.62 -41.29 -28.52
CA GLU B 92 -19.72 -40.48 -27.98
C GLU B 92 -20.39 -41.16 -26.78
N ALA B 93 -19.56 -41.74 -25.92
CA ALA B 93 -20.03 -42.44 -24.73
C ALA B 93 -20.42 -41.53 -23.55
N GLY B 94 -20.30 -40.23 -23.73
CA GLY B 94 -20.63 -39.31 -22.66
C GLY B 94 -19.43 -38.57 -22.09
N ARG B 95 -19.69 -37.71 -21.11
CA ARG B 95 -18.64 -36.93 -20.48
C ARG B 95 -18.33 -37.43 -19.08
N VAL B 96 -17.16 -37.06 -18.59
CA VAL B 96 -16.72 -37.46 -17.26
C VAL B 96 -15.74 -36.40 -16.77
N THR B 97 -15.44 -36.41 -15.48
CA THR B 97 -14.50 -35.45 -14.98
C THR B 97 -13.33 -36.21 -14.42
N ILE B 98 -12.16 -35.88 -14.93
CA ILE B 98 -10.92 -36.54 -14.57
C ILE B 98 -10.08 -35.68 -13.64
N LEU B 99 -9.50 -36.31 -12.62
CA LEU B 99 -8.64 -35.59 -11.71
C LEU B 99 -7.24 -36.14 -11.82
N PRO B 100 -6.38 -35.50 -12.65
CA PRO B 100 -5.00 -35.99 -12.79
C PRO B 100 -4.15 -35.60 -11.57
N LEU B 101 -3.49 -36.59 -10.97
CA LEU B 101 -2.69 -36.37 -9.79
C LEU B 101 -1.56 -35.40 -9.99
N ASP B 102 -1.12 -35.28 -11.24
CA ASP B 102 -0.02 -34.38 -11.58
C ASP B 102 -0.50 -33.01 -12.03
N LEU B 103 -1.78 -32.71 -11.81
CA LEU B 103 -2.32 -31.42 -12.23
C LEU B 103 -3.19 -30.74 -11.19
N ILE B 104 -3.96 -31.50 -10.43
CA ILE B 104 -4.85 -30.91 -9.42
C ILE B 104 -4.09 -30.20 -8.32
N ASP B 105 -4.70 -29.13 -7.81
CA ASP B 105 -4.12 -28.34 -6.74
C ASP B 105 -4.55 -28.91 -5.42
N GLY B 106 -3.59 -29.19 -4.55
CA GLY B 106 -3.93 -29.75 -3.26
C GLY B 106 -3.73 -28.77 -2.12
N SER B 107 -3.27 -27.57 -2.44
CA SER B 107 -3.04 -26.56 -1.41
C SER B 107 -4.33 -26.24 -0.66
N PHE B 108 -4.19 -25.92 0.63
CA PHE B 108 -5.35 -25.57 1.46
C PHE B 108 -4.87 -24.82 2.69
N ASN B 109 -5.65 -23.86 3.16
CA ASN B 109 -5.23 -23.11 4.33
C ASN B 109 -6.14 -23.16 5.55
N ARG B 110 -5.52 -23.05 6.71
CA ARG B 110 -6.24 -23.05 7.96
C ARG B 110 -6.26 -21.58 8.38
N ILE B 111 -7.30 -21.15 9.09
CA ILE B 111 -7.37 -19.77 9.55
C ILE B 111 -7.40 -19.77 11.07
N SER B 112 -6.73 -18.80 11.68
CA SER B 112 -6.69 -18.70 13.13
C SER B 112 -8.00 -18.14 13.67
N GLY B 113 -8.49 -18.76 14.74
CA GLY B 113 -9.72 -18.29 15.34
C GLY B 113 -11.00 -18.86 14.73
N LEU B 114 -10.87 -19.50 13.58
CA LEU B 114 -12.04 -20.06 12.92
C LEU B 114 -12.77 -21.01 13.85
N GLU B 115 -12.02 -21.85 14.56
CA GLU B 115 -12.60 -22.81 15.49
C GLU B 115 -13.41 -22.09 16.58
N ASN B 116 -13.15 -20.80 16.76
CA ASN B 116 -13.86 -20.02 17.77
C ASN B 116 -15.00 -19.22 17.15
N GLU B 117 -15.46 -19.65 15.96
CA GLU B 117 -16.53 -18.94 15.27
C GLU B 117 -17.87 -19.60 15.56
N ARG B 118 -18.93 -18.81 15.46
CA ARG B 118 -20.29 -19.26 15.73
C ARG B 118 -20.76 -20.52 15.01
N GLY B 119 -21.00 -21.59 15.76
CA GLY B 119 -21.47 -22.82 15.15
C GLY B 119 -20.42 -23.68 14.49
N PHE B 120 -19.13 -23.37 14.69
CA PHE B 120 -18.07 -24.17 14.08
C PHE B 120 -18.28 -25.63 14.44
N VAL B 121 -17.60 -26.55 13.75
CA VAL B 121 -17.78 -27.97 14.00
C VAL B 121 -16.60 -28.82 13.52
N GLY B 122 -15.52 -28.15 13.14
CA GLY B 122 -14.35 -28.91 12.69
C GLY B 122 -14.06 -28.90 11.21
N TYR B 123 -12.83 -29.26 10.86
CA TYR B 123 -12.39 -29.32 9.48
C TYR B 123 -12.79 -30.60 8.77
N ALA B 124 -13.20 -30.47 7.51
CA ALA B 124 -13.64 -31.62 6.72
C ALA B 124 -12.56 -32.67 6.57
N VAL B 125 -11.33 -32.21 6.40
CA VAL B 125 -10.22 -33.12 6.23
C VAL B 125 -10.11 -34.10 7.39
N ASP B 126 -10.52 -33.65 8.59
CA ASP B 126 -10.46 -34.50 9.76
C ASP B 126 -11.43 -35.68 9.77
N LEU B 127 -12.22 -35.84 8.72
CA LEU B 127 -13.15 -36.96 8.68
C LEU B 127 -12.77 -37.96 7.60
N VAL B 128 -11.54 -37.87 7.11
CA VAL B 128 -11.14 -38.78 6.05
C VAL B 128 -9.67 -39.22 6.14
N LYS B 129 -9.36 -40.35 5.52
CA LYS B 129 -8.01 -40.87 5.49
C LYS B 129 -7.65 -41.16 4.06
N PHE B 130 -6.38 -40.94 3.72
CA PHE B 130 -5.88 -41.19 2.36
C PHE B 130 -4.53 -41.93 2.34
N PRO B 131 -4.37 -42.84 1.38
CA PRO B 131 -3.14 -43.60 1.27
C PRO B 131 -1.85 -42.83 0.87
N SER B 132 -1.56 -41.75 1.59
CA SER B 132 -0.34 -40.95 1.37
C SER B 132 0.01 -40.62 -0.09
N ASP B 133 0.14 -41.62 -0.94
CA ASP B 133 0.43 -41.37 -2.35
C ASP B 133 -0.76 -40.66 -2.98
N LEU B 134 -1.75 -40.34 -2.14
CA LEU B 134 -2.94 -39.64 -2.57
C LEU B 134 -3.22 -38.40 -1.72
N GLU B 135 -2.22 -37.97 -0.96
CA GLU B 135 -2.35 -36.82 -0.09
C GLU B 135 -2.92 -35.59 -0.79
N VAL B 136 -2.48 -35.32 -2.02
CA VAL B 136 -3.02 -34.16 -2.74
C VAL B 136 -4.52 -34.31 -2.95
N LEU B 137 -4.92 -35.44 -3.52
CA LEU B 137 -6.32 -35.71 -3.74
C LEU B 137 -7.11 -35.27 -2.51
N GLY B 138 -6.48 -35.40 -1.34
CA GLY B 138 -7.13 -35.00 -0.11
C GLY B 138 -7.27 -33.50 0.02
N GLY B 139 -6.16 -32.80 -0.19
CA GLY B 139 -6.17 -31.35 -0.10
C GLY B 139 -7.07 -30.76 -1.15
N PHE B 140 -7.19 -31.46 -2.27
CA PHE B 140 -8.02 -31.01 -3.37
C PHE B 140 -9.51 -31.17 -3.05
N LEU B 141 -9.90 -32.32 -2.49
CA LEU B 141 -11.29 -32.60 -2.17
C LEU B 141 -11.74 -31.94 -0.89
N PHE B 142 -10.84 -31.84 0.08
CA PHE B 142 -11.21 -31.22 1.36
C PHE B 142 -10.09 -30.30 1.77
N GLY B 143 -9.89 -30.17 3.07
CA GLY B 143 -8.84 -29.31 3.55
C GLY B 143 -9.14 -27.83 3.38
N ASN B 144 -10.00 -27.51 2.42
CA ASN B 144 -10.39 -26.12 2.25
C ASN B 144 -11.86 -26.02 2.60
N SER B 145 -12.42 -27.15 3.06
CA SER B 145 -13.82 -27.24 3.45
C SER B 145 -13.93 -27.25 4.97
N VAL B 146 -15.06 -26.80 5.47
CA VAL B 146 -15.30 -26.72 6.91
C VAL B 146 -16.74 -27.11 7.16
N VAL B 147 -17.00 -27.76 8.30
CA VAL B 147 -18.37 -28.13 8.64
C VAL B 147 -18.90 -27.25 9.75
N VAL B 148 -20.15 -26.79 9.63
CA VAL B 148 -20.77 -25.96 10.67
C VAL B 148 -22.11 -26.58 11.09
N GLU B 149 -22.84 -25.90 11.96
CA GLU B 149 -24.12 -26.42 12.42
C GLU B 149 -25.29 -26.18 11.46
N THR B 150 -25.59 -24.90 11.25
CA THR B 150 -26.71 -24.50 10.41
C THR B 150 -26.31 -23.64 9.22
N LEU B 151 -27.18 -23.61 8.22
CA LEU B 151 -26.95 -22.79 7.04
C LEU B 151 -26.77 -21.31 7.38
N ASP B 152 -27.33 -20.86 8.50
CA ASP B 152 -27.20 -19.46 8.92
C ASP B 152 -25.78 -19.22 9.35
N ASP B 153 -25.23 -20.19 10.09
CA ASP B 153 -23.86 -20.08 10.56
C ASP B 153 -23.01 -19.96 9.31
N ALA B 154 -23.33 -20.83 8.36
CA ALA B 154 -22.63 -20.85 7.07
C ALA B 154 -22.66 -19.48 6.39
N ILE B 155 -23.86 -18.96 6.15
CA ILE B 155 -23.98 -17.67 5.50
C ILE B 155 -23.21 -16.57 6.20
N ARG B 156 -23.30 -16.54 7.53
CA ARG B 156 -22.58 -15.52 8.31
C ARG B 156 -21.09 -15.64 8.03
N MET B 157 -20.57 -16.83 8.34
CA MET B 157 -19.16 -17.12 8.14
C MET B 157 -18.69 -16.72 6.75
N LYS B 158 -19.41 -17.18 5.72
CA LYS B 158 -19.06 -16.88 4.34
C LYS B 158 -18.99 -15.38 4.08
N LYS B 159 -19.75 -14.60 4.84
CA LYS B 159 -19.72 -13.16 4.64
C LYS B 159 -18.57 -12.47 5.37
N LYS B 160 -18.25 -12.98 6.55
CA LYS B 160 -17.17 -12.42 7.37
C LYS B 160 -15.80 -12.60 6.73
N TYR B 161 -15.42 -13.84 6.49
CA TYR B 161 -14.12 -14.12 5.89
C TYR B 161 -14.14 -13.95 4.39
N ARG B 162 -15.33 -14.01 3.82
CA ARG B 162 -15.53 -13.86 2.39
C ARG B 162 -14.35 -14.38 1.57
N LEU B 163 -13.98 -15.64 1.80
CA LEU B 163 -12.88 -16.24 1.07
C LEU B 163 -13.45 -17.28 0.10
N ASN B 164 -12.65 -18.30 -0.20
CA ASN B 164 -13.10 -19.35 -1.09
C ASN B 164 -13.12 -20.68 -0.35
N THR B 165 -13.68 -20.67 0.85
CA THR B 165 -13.75 -21.90 1.63
C THR B 165 -15.11 -22.56 1.44
N ARG B 166 -15.11 -23.89 1.25
CA ARG B 166 -16.35 -24.64 1.09
C ARG B 166 -16.89 -24.84 2.48
N ILE B 167 -18.21 -24.84 2.63
CA ILE B 167 -18.82 -25.00 3.93
C ILE B 167 -20.03 -25.93 3.85
N ALA B 168 -20.06 -26.90 4.74
CA ALA B 168 -21.19 -27.84 4.78
C ALA B 168 -21.88 -27.77 6.14
N THR B 169 -23.21 -27.75 6.13
CA THR B 169 -23.97 -27.69 7.36
C THR B 169 -24.25 -29.11 7.78
N LEU B 170 -24.73 -29.29 9.00
CA LEU B 170 -25.04 -30.61 9.52
C LEU B 170 -26.30 -31.17 8.87
N ASP B 171 -27.15 -30.27 8.39
CA ASP B 171 -28.40 -30.65 7.74
C ASP B 171 -28.12 -31.10 6.33
N GLY B 172 -26.95 -30.76 5.81
CA GLY B 172 -26.64 -31.18 4.45
C GLY B 172 -26.47 -30.10 3.41
N GLU B 173 -26.68 -28.84 3.77
CA GLU B 173 -26.49 -27.76 2.80
C GLU B 173 -24.98 -27.59 2.53
N LEU B 174 -24.67 -26.86 1.47
CA LEU B 174 -23.29 -26.57 1.09
C LEU B 174 -23.18 -25.17 0.50
N ILE B 175 -22.11 -24.46 0.85
CA ILE B 175 -21.92 -23.16 0.25
C ILE B 175 -20.59 -23.28 -0.45
N SER B 176 -20.58 -23.13 -1.77
CA SER B 176 -19.34 -23.21 -2.53
C SER B 176 -18.43 -22.03 -2.18
N GLY B 177 -17.15 -22.17 -2.52
CA GLY B 177 -16.19 -21.12 -2.25
C GLY B 177 -16.64 -19.76 -2.75
N ARG B 178 -17.29 -19.72 -3.93
CA ARG B 178 -17.75 -18.44 -4.48
C ARG B 178 -19.14 -18.00 -4.01
N GLY B 179 -19.85 -18.85 -3.28
CA GLY B 179 -21.14 -18.41 -2.77
C GLY B 179 -22.39 -19.15 -3.17
N ALA B 180 -22.24 -20.19 -3.99
CA ALA B 180 -23.38 -20.96 -4.44
C ALA B 180 -23.93 -21.83 -3.30
N ILE B 181 -25.26 -21.78 -3.08
CA ILE B 181 -25.87 -22.58 -2.02
C ILE B 181 -26.63 -23.78 -2.59
N THR B 182 -26.20 -24.97 -2.19
CA THR B 182 -26.85 -26.19 -2.63
C THR B 182 -27.53 -26.77 -1.40
N GLY B 183 -28.77 -27.18 -1.56
CA GLY B 183 -29.49 -27.77 -0.43
C GLY B 183 -30.70 -28.55 -0.87
N GLY B 184 -31.50 -28.98 0.09
CA GLY B 184 -32.70 -29.71 -0.25
C GLY B 184 -32.55 -31.18 0.07
N ARG B 185 -33.69 -31.86 0.10
CA ARG B 185 -33.74 -33.27 0.43
C ARG B 185 -34.49 -34.12 -0.61
N GLU B 186 -34.35 -35.42 -0.48
CA GLU B 186 -34.97 -36.39 -1.38
C GLU B 186 -35.22 -37.74 -0.66
N GLU B 187 -35.52 -38.78 -1.44
CA GLU B 187 -35.78 -40.10 -0.87
C GLU B 187 -34.60 -41.03 -1.09
N ARG B 188 -34.00 -40.96 -2.28
CA ARG B 188 -32.84 -41.80 -2.62
C ARG B 188 -31.69 -41.61 -1.62
N SER B 189 -31.81 -40.62 -0.73
CA SER B 189 -30.79 -40.32 0.28
C SER B 189 -29.52 -39.76 -0.37
N SER B 190 -29.11 -40.37 -1.47
CA SER B 190 -27.93 -39.94 -2.17
C SER B 190 -26.74 -39.80 -1.23
N ASN B 191 -26.43 -40.87 -0.51
CA ASN B 191 -25.27 -40.88 0.37
C ASN B 191 -24.23 -41.74 -0.33
N VAL B 192 -23.38 -41.07 -1.11
CA VAL B 192 -22.33 -41.71 -1.89
C VAL B 192 -21.64 -42.91 -1.23
N PHE B 193 -21.24 -42.79 0.03
CA PHE B 193 -20.56 -43.88 0.71
C PHE B 193 -21.44 -45.00 1.22
N GLU B 194 -22.74 -44.92 0.97
CA GLU B 194 -23.67 -45.94 1.47
C GLU B 194 -23.30 -47.37 1.10
N ARG B 195 -23.34 -47.65 -0.21
CA ARG B 195 -23.02 -48.98 -0.72
C ARG B 195 -21.79 -49.54 -0.01
N ARG B 196 -20.78 -48.71 0.24
CA ARG B 196 -19.57 -49.21 0.91
C ARG B 196 -19.79 -49.49 2.38
N ILE B 197 -20.43 -48.54 3.06
CA ILE B 197 -20.71 -48.70 4.48
C ILE B 197 -21.59 -49.93 4.68
N LYS B 198 -22.55 -50.13 3.78
CA LYS B 198 -23.43 -51.29 3.85
C LYS B 198 -22.59 -52.57 3.81
N LEU B 199 -21.29 -52.42 3.64
CA LEU B 199 -20.38 -53.56 3.59
C LEU B 199 -19.39 -53.56 4.76
N LYS B 200 -19.06 -52.38 5.29
CA LYS B 200 -18.16 -52.31 6.44
C LYS B 200 -18.99 -52.98 7.55
N HIS B 201 -20.25 -53.23 7.21
CA HIS B 201 -21.21 -53.86 8.08
C HIS B 201 -21.36 -55.31 7.65
N LEU B 202 -22.13 -55.54 6.60
CA LEU B 202 -22.36 -56.88 6.04
C LEU B 202 -21.14 -57.79 6.12
N GLU B 203 -19.96 -57.18 5.99
CA GLU B 203 -18.71 -57.92 6.05
C GLU B 203 -18.53 -58.42 7.49
N GLN B 204 -18.26 -57.51 8.41
CA GLN B 204 -18.04 -57.90 9.81
C GLN B 204 -19.35 -58.22 10.54
N GLU B 205 -20.46 -57.87 9.90
CA GLU B 205 -21.77 -58.17 10.48
C GLU B 205 -21.76 -59.69 10.53
N MET B 206 -21.53 -60.33 9.38
CA MET B 206 -21.46 -61.77 9.35
C MET B 206 -20.05 -62.18 9.81
N GLU B 207 -19.85 -62.06 11.12
CA GLU B 207 -18.59 -62.44 11.73
C GLU B 207 -19.02 -63.18 13.00
N LYS C 3 -13.65 16.66 -18.15
CA LYS C 3 -13.29 18.06 -18.48
C LYS C 3 -13.80 18.99 -17.39
N GLU C 4 -15.11 19.03 -17.21
CA GLU C 4 -15.75 19.87 -16.18
C GLU C 4 -15.62 19.21 -14.80
N LYS C 5 -15.73 17.88 -14.80
CA LYS C 5 -15.62 17.07 -13.58
C LYS C 5 -14.14 16.73 -13.42
N ARG C 6 -13.34 17.78 -13.37
CA ARG C 6 -11.91 17.69 -13.26
C ARG C 6 -11.52 19.15 -13.10
N LEU C 7 -12.31 20.01 -13.75
CA LEU C 7 -12.11 21.46 -13.70
C LEU C 7 -12.60 21.96 -12.36
N ARG C 8 -12.64 21.05 -11.40
CA ARG C 8 -13.07 21.36 -10.06
C ARG C 8 -12.07 20.81 -9.06
N GLU C 9 -11.48 19.65 -9.36
CA GLU C 9 -10.48 19.10 -8.46
C GLU C 9 -9.25 20.01 -8.55
N ILE C 10 -9.37 21.04 -9.38
CA ILE C 10 -8.34 22.06 -9.56
C ILE C 10 -8.70 23.06 -8.45
N GLN C 11 -9.89 23.64 -8.57
CA GLN C 11 -10.42 24.61 -7.61
C GLN C 11 -10.42 23.97 -6.21
N PHE C 12 -10.42 22.63 -6.19
CA PHE C 12 -10.40 21.88 -4.94
C PHE C 12 -8.98 21.69 -4.44
N GLU C 13 -8.17 20.99 -5.23
CA GLU C 13 -6.77 20.74 -4.85
C GLU C 13 -6.16 22.06 -4.42
N LYS C 14 -6.83 23.16 -4.75
CA LYS C 14 -6.40 24.49 -4.37
C LYS C 14 -6.59 24.63 -2.86
N GLU C 15 -7.81 24.38 -2.39
CA GLU C 15 -8.10 24.46 -0.96
C GLU C 15 -7.26 23.41 -0.20
N MET C 16 -7.06 22.25 -0.83
CA MET C 16 -6.25 21.19 -0.22
C MET C 16 -4.76 21.51 -0.35
N ILE C 17 -4.42 22.80 -0.46
CA ILE C 17 -3.03 23.23 -0.58
C ILE C 17 -2.91 24.75 -0.51
N GLU C 18 -3.92 25.37 0.08
CA GLU C 18 -3.94 26.83 0.27
C GLU C 18 -4.30 26.93 1.76
N ARG C 19 -5.08 25.96 2.21
CA ARG C 19 -5.52 25.85 3.59
C ARG C 19 -4.28 25.51 4.40
N ASP C 20 -3.23 25.08 3.70
CA ASP C 20 -1.98 24.73 4.36
C ASP C 20 -1.22 26.04 4.48
N MET C 21 -1.17 26.80 3.38
CA MET C 21 -0.48 28.09 3.36
C MET C 21 -0.95 29.01 4.48
N ARG C 22 -2.26 29.19 4.60
CA ARG C 22 -2.79 30.07 5.64
C ARG C 22 -2.49 29.58 7.05
N GLU C 23 -2.39 28.26 7.25
CA GLU C 23 -2.09 27.75 8.59
C GLU C 23 -0.65 27.22 8.70
N TYR C 24 0.25 27.87 7.96
CA TYR C 24 1.68 27.54 7.95
C TYR C 24 1.91 26.12 8.42
N ARG C 25 1.64 25.18 7.52
CA ARG C 25 1.74 23.76 7.82
C ARG C 25 3.15 23.20 7.99
N GLY C 26 4.01 23.37 7.01
CA GLY C 26 5.36 22.83 7.17
C GLY C 26 6.26 23.48 8.20
N PHE C 27 5.97 24.72 8.56
CA PHE C 27 6.78 25.48 9.51
C PHE C 27 6.81 24.93 10.92
N SER C 28 7.85 25.28 11.66
CA SER C 28 8.01 24.84 13.04
C SER C 28 6.84 25.21 13.98
N ARG C 29 6.78 24.53 15.12
CA ARG C 29 5.74 24.75 16.12
C ARG C 29 5.71 26.22 16.55
N ALA C 30 6.86 26.84 16.73
CA ALA C 30 6.91 28.24 17.12
C ALA C 30 6.33 29.13 16.01
N VAL C 31 6.89 29.04 14.81
CA VAL C 31 6.41 29.89 13.73
C VAL C 31 4.90 29.78 13.60
N ARG C 32 4.39 28.56 13.82
CA ARG C 32 2.94 28.32 13.72
C ARG C 32 2.18 29.05 14.84
N ALA C 33 2.60 28.83 16.07
CA ALA C 33 1.95 29.51 17.20
C ALA C 33 1.83 31.00 16.89
N VAL C 34 2.92 31.60 16.45
CA VAL C 34 2.90 33.02 16.15
C VAL C 34 1.87 33.39 15.10
N PHE C 35 1.62 32.53 14.12
CA PHE C 35 0.67 32.91 13.10
C PHE C 35 -0.80 32.68 13.39
N GLU C 36 -1.10 31.77 14.31
CA GLU C 36 -2.50 31.54 14.63
C GLU C 36 -2.94 32.57 15.66
N GLU C 37 -2.02 33.47 16.01
CA GLU C 37 -2.28 34.53 16.97
C GLU C 37 -1.94 35.82 16.26
N LYS C 38 -1.85 35.71 14.94
CA LYS C 38 -1.47 36.84 14.10
C LYS C 38 -2.19 38.16 14.37
N GLU C 39 -3.30 38.10 15.11
CA GLU C 39 -4.02 39.33 15.42
C GLU C 39 -3.26 40.16 16.46
N ARG C 40 -2.68 39.47 17.45
CA ARG C 40 -1.93 40.14 18.49
C ARG C 40 -0.77 40.95 17.92
N PHE C 41 -0.39 40.65 16.68
CA PHE C 41 0.76 41.32 16.06
C PHE C 41 0.50 42.07 14.76
N PRO C 42 -0.27 43.16 14.82
CA PRO C 42 -0.60 43.95 13.62
C PRO C 42 0.63 44.33 12.77
N GLY C 43 1.81 44.40 13.38
CA GLY C 43 3.00 44.77 12.63
C GLY C 43 3.60 43.60 11.84
N LEU C 44 3.00 42.43 12.02
CA LEU C 44 3.43 41.21 11.37
C LEU C 44 3.24 41.29 9.86
N VAL C 45 4.19 40.75 9.10
CA VAL C 45 4.08 40.73 7.64
C VAL C 45 3.92 39.27 7.24
N ASP C 46 5.02 38.62 6.89
CA ASP C 46 4.95 37.21 6.51
C ASP C 46 6.34 36.59 6.66
N VAL C 47 6.42 35.26 6.50
CA VAL C 47 7.71 34.59 6.59
C VAL C 47 8.41 34.83 5.26
N VAL C 48 9.73 34.97 5.27
CA VAL C 48 10.48 35.22 4.06
C VAL C 48 10.02 34.45 2.81
N SER C 49 9.90 33.13 2.91
CA SER C 49 9.53 32.33 1.74
C SER C 49 8.21 32.72 1.06
N ASN C 50 7.46 33.64 1.65
CA ASN C 50 6.20 34.07 1.05
C ASN C 50 6.29 35.46 0.48
N LEU C 51 7.42 36.12 0.63
CA LEU C 51 7.54 37.47 0.13
C LEU C 51 8.51 37.59 -1.02
N ILE C 52 9.04 36.47 -1.46
CA ILE C 52 9.99 36.48 -2.56
C ILE C 52 9.29 36.10 -3.85
N GLU C 53 9.49 36.90 -4.89
CA GLU C 53 8.92 36.59 -6.20
C GLU C 53 10.06 35.94 -6.96
N VAL C 54 9.89 34.68 -7.33
CA VAL C 54 10.96 33.99 -8.03
C VAL C 54 10.41 33.06 -9.08
N ASP C 55 11.13 32.97 -10.19
CA ASP C 55 10.79 32.13 -11.32
C ASP C 55 10.90 30.62 -10.95
N GLU C 56 9.89 29.86 -11.34
CA GLU C 56 9.84 28.43 -11.06
C GLU C 56 11.14 27.68 -11.35
N LYS C 57 11.98 28.29 -12.18
CA LYS C 57 13.27 27.70 -12.53
C LYS C 57 14.18 27.85 -11.33
N TYR C 58 14.55 29.10 -11.09
CA TYR C 58 15.45 29.47 -10.00
C TYR C 58 14.91 29.08 -8.62
N SER C 59 13.66 28.67 -8.59
CA SER C 59 12.96 28.25 -7.38
C SER C 59 13.85 27.53 -6.35
N LEU C 60 14.27 26.31 -6.67
CA LEU C 60 15.09 25.52 -5.77
C LEU C 60 16.45 26.12 -5.44
N ALA C 61 16.96 26.96 -6.32
CA ALA C 61 18.26 27.58 -6.11
C ALA C 61 18.18 28.61 -4.97
N VAL C 62 17.12 29.41 -4.98
CA VAL C 62 16.89 30.44 -3.98
C VAL C 62 16.53 29.77 -2.66
N SER C 63 15.83 28.64 -2.80
CA SER C 63 15.40 27.82 -1.68
C SER C 63 16.63 27.34 -0.88
N VAL C 64 17.78 27.20 -1.53
CA VAL C 64 18.97 26.76 -0.82
C VAL C 64 19.85 27.95 -0.48
N LEU C 65 19.64 29.06 -1.16
CA LEU C 65 20.42 30.25 -0.87
C LEU C 65 19.94 30.80 0.45
N LEU C 66 18.68 30.55 0.74
CA LEU C 66 18.08 30.98 1.99
C LEU C 66 18.50 30.04 3.10
N GLY C 67 17.80 28.92 3.19
CA GLY C 67 18.10 27.96 4.23
C GLY C 67 17.12 28.22 5.34
N GLY C 68 17.56 28.15 6.59
CA GLY C 68 16.64 28.39 7.70
C GLY C 68 16.04 29.78 7.66
N THR C 69 16.70 30.68 6.95
CA THR C 69 16.23 32.05 6.86
C THR C 69 14.87 32.07 6.18
N ALA C 70 14.52 30.96 5.56
CA ALA C 70 13.24 30.88 4.86
C ALA C 70 12.07 31.16 5.80
N GLN C 71 12.17 30.67 7.03
CA GLN C 71 11.09 30.88 7.97
C GLN C 71 11.39 31.90 9.06
N ASN C 72 12.14 32.92 8.67
CA ASN C 72 12.43 34.04 9.53
C ASN C 72 11.15 34.83 9.36
N ILE C 73 10.67 35.47 10.43
CA ILE C 73 9.45 36.27 10.34
C ILE C 73 9.71 37.76 10.09
N VAL C 74 9.17 38.27 8.99
CA VAL C 74 9.35 39.68 8.67
C VAL C 74 8.27 40.52 9.33
N VAL C 75 8.69 41.58 10.02
CA VAL C 75 7.76 42.48 10.70
C VAL C 75 8.10 43.93 10.36
N ARG C 76 7.11 44.80 10.53
CA ARG C 76 7.25 46.23 10.23
C ARG C 76 8.21 46.98 11.15
N ASN C 77 8.09 46.72 12.45
CA ASN C 77 8.92 47.42 13.42
C ASN C 77 9.36 46.56 14.61
N VAL C 78 10.34 47.09 15.34
CA VAL C 78 10.93 46.42 16.49
C VAL C 78 9.94 46.07 17.59
N ASP C 79 8.92 46.90 17.77
CA ASP C 79 7.96 46.63 18.83
C ASP C 79 7.23 45.32 18.56
N THR C 80 6.83 45.11 17.31
CA THR C 80 6.13 43.89 16.94
C THR C 80 7.05 42.72 17.30
N ALA C 81 8.35 42.94 17.08
CA ALA C 81 9.36 41.94 17.37
C ALA C 81 9.37 41.60 18.86
N LYS C 82 9.47 42.65 19.68
CA LYS C 82 9.47 42.49 21.13
C LYS C 82 8.21 41.79 21.59
N ALA C 83 7.09 42.15 20.94
CA ALA C 83 5.81 41.57 21.27
C ALA C 83 5.87 40.07 21.09
N ILE C 84 6.34 39.66 19.91
CA ILE C 84 6.46 38.25 19.58
C ILE C 84 7.39 37.52 20.52
N VAL C 85 8.57 38.09 20.72
CA VAL C 85 9.56 37.47 21.59
C VAL C 85 8.97 37.24 22.98
N GLU C 86 8.15 38.20 23.41
CA GLU C 86 7.53 38.09 24.72
C GLU C 86 6.46 37.02 24.72
N PHE C 87 5.63 37.03 23.68
CA PHE C 87 4.57 36.06 23.54
C PHE C 87 5.13 34.64 23.62
N LEU C 88 6.18 34.39 22.85
CA LEU C 88 6.80 33.08 22.81
C LEU C 88 7.46 32.70 24.13
N LYS C 89 8.13 33.68 24.73
CA LYS C 89 8.82 33.48 25.99
C LYS C 89 7.85 33.09 27.12
N GLN C 90 6.60 33.50 27.01
CA GLN C 90 5.61 33.16 28.03
C GLN C 90 5.15 31.71 27.92
N ASN C 91 4.59 31.36 26.77
CA ASN C 91 4.08 30.03 26.53
C ASN C 91 5.13 29.00 26.16
N GLU C 92 6.40 29.36 26.31
CA GLU C 92 7.48 28.44 25.98
C GLU C 92 7.21 27.70 24.66
N ALA C 93 6.68 28.42 23.69
CA ALA C 93 6.34 27.84 22.39
C ALA C 93 7.53 27.62 21.43
N GLY C 94 8.74 27.97 21.88
CA GLY C 94 9.91 27.81 21.04
C GLY C 94 10.53 29.14 20.62
N ARG C 95 11.62 29.06 19.85
CA ARG C 95 12.30 30.26 19.39
C ARG C 95 12.05 30.49 17.90
N VAL C 96 12.29 31.73 17.46
CA VAL C 96 12.11 32.09 16.06
C VAL C 96 13.05 33.24 15.77
N THR C 97 13.24 33.55 14.50
CA THR C 97 14.09 34.66 14.16
C THR C 97 13.26 35.67 13.43
N ILE C 98 13.23 36.87 13.99
CA ILE C 98 12.45 37.99 13.50
C ILE C 98 13.31 38.99 12.77
N LEU C 99 12.81 39.48 11.64
CA LEU C 99 13.53 40.47 10.86
C LEU C 99 12.75 41.78 10.81
N PRO C 100 13.00 42.69 11.76
CA PRO C 100 12.27 43.97 11.76
C PRO C 100 12.77 44.89 10.63
N LEU C 101 11.82 45.34 9.81
CA LEU C 101 12.16 46.21 8.67
C LEU C 101 12.85 47.49 9.06
N ASP C 102 12.62 47.95 10.29
CA ASP C 102 13.21 49.19 10.78
C ASP C 102 14.53 48.96 11.50
N LEU C 103 15.09 47.75 11.38
CA LEU C 103 16.33 47.46 12.08
C LEU C 103 17.38 46.73 11.25
N ILE C 104 16.94 45.85 10.35
CA ILE C 104 17.89 45.09 9.53
C ILE C 104 18.67 45.95 8.56
N ASP C 105 19.93 45.61 8.37
CA ASP C 105 20.80 46.33 7.47
C ASP C 105 20.65 45.78 6.06
N GLY C 106 20.37 46.67 5.11
CA GLY C 106 20.20 46.23 3.73
C GLY C 106 21.32 46.68 2.82
N SER C 107 22.33 47.35 3.40
CA SER C 107 23.46 47.83 2.59
C SER C 107 24.19 46.65 1.97
N PHE C 108 24.72 46.86 0.77
CA PHE C 108 25.46 45.81 0.06
C PHE C 108 26.35 46.46 -0.99
N ASN C 109 27.53 45.89 -1.21
CA ASN C 109 28.41 46.48 -2.21
C ASN C 109 28.80 45.59 -3.38
N ARG C 110 29.00 46.23 -4.52
CA ARG C 110 29.41 45.55 -5.73
C ARG C 110 30.92 45.79 -5.83
N ILE C 111 31.67 44.82 -6.38
CA ILE C 111 33.11 45.02 -6.53
C ILE C 111 33.44 45.02 -8.03
N SER C 112 34.38 45.87 -8.43
CA SER C 112 34.75 45.94 -9.84
C SER C 112 35.65 44.75 -10.20
N GLY C 113 35.41 44.19 -11.38
CA GLY C 113 36.21 43.06 -11.85
C GLY C 113 35.78 41.70 -11.34
N LEU C 114 34.91 41.67 -10.33
CA LEU C 114 34.43 40.41 -9.78
C LEU C 114 33.84 39.54 -10.88
N GLU C 115 33.08 40.16 -11.79
CA GLU C 115 32.47 39.42 -12.88
C GLU C 115 33.53 38.78 -13.77
N ASN C 116 34.77 39.26 -13.63
CA ASN C 116 35.87 38.72 -14.44
C ASN C 116 36.71 37.75 -13.63
N GLU C 117 36.14 37.20 -12.57
CA GLU C 117 36.86 36.27 -11.72
C GLU C 117 36.53 34.84 -12.11
N ARG C 118 37.47 33.93 -11.86
CA ARG C 118 37.33 32.51 -12.19
C ARG C 118 36.04 31.85 -11.73
N GLY C 119 35.22 31.41 -12.69
CA GLY C 119 33.99 30.73 -12.34
C GLY C 119 32.82 31.56 -11.87
N PHE C 120 32.92 32.88 -12.01
CA PHE C 120 31.84 33.78 -11.62
C PHE C 120 30.56 33.31 -12.33
N VAL C 121 29.41 33.75 -11.85
CA VAL C 121 28.15 33.32 -12.44
C VAL C 121 27.04 34.35 -12.23
N GLY C 122 27.36 35.49 -11.65
CA GLY C 122 26.34 36.50 -11.43
C GLY C 122 25.97 36.75 -9.98
N TYR C 123 25.28 37.87 -9.76
CA TYR C 123 24.87 38.25 -8.42
C TYR C 123 23.56 37.59 -8.00
N ALA C 124 23.48 37.18 -6.73
CA ALA C 124 22.28 36.53 -6.20
C ALA C 124 21.04 37.42 -6.29
N VAL C 125 21.21 38.70 -6.03
CA VAL C 125 20.10 39.63 -6.07
C VAL C 125 19.39 39.59 -7.42
N ASP C 126 20.14 39.32 -8.49
CA ASP C 126 19.57 39.24 -9.83
C ASP C 126 18.61 38.07 -10.07
N LEU C 127 18.36 37.25 -9.06
CA LEU C 127 17.46 36.12 -9.25
C LEU C 127 16.20 36.29 -8.44
N VAL C 128 15.98 37.48 -7.93
CA VAL C 128 14.80 37.74 -7.11
C VAL C 128 14.13 39.10 -7.34
N LYS C 129 12.86 39.18 -6.96
CA LYS C 129 12.09 40.41 -7.07
C LYS C 129 11.42 40.69 -5.75
N PHE C 130 11.36 41.97 -5.39
CA PHE C 130 10.73 42.39 -4.14
C PHE C 130 9.77 43.58 -4.32
N PRO C 131 8.66 43.56 -3.58
CA PRO C 131 7.67 44.64 -3.66
C PRO C 131 8.09 46.02 -3.16
N SER C 132 9.24 46.51 -3.61
CA SER C 132 9.75 47.85 -3.23
C SER C 132 9.70 48.22 -1.75
N ASP C 133 8.52 48.17 -1.14
CA ASP C 133 8.41 48.49 0.28
C ASP C 133 9.18 47.42 1.07
N LEU C 134 9.84 46.54 0.33
CA LEU C 134 10.63 45.47 0.91
C LEU C 134 12.05 45.45 0.35
N GLU C 135 12.43 46.52 -0.34
CA GLU C 135 13.76 46.63 -0.93
C GLU C 135 14.89 46.28 0.05
N VAL C 136 14.82 46.74 1.30
CA VAL C 136 15.89 46.41 2.25
C VAL C 136 15.97 44.91 2.45
N LEU C 137 14.82 44.30 2.72
CA LEU C 137 14.75 42.85 2.93
C LEU C 137 15.59 42.16 1.86
N GLY C 138 15.59 42.75 0.66
CA GLY C 138 16.36 42.21 -0.43
C GLY C 138 17.85 42.37 -0.22
N GLY C 139 18.31 43.57 0.11
CA GLY C 139 19.73 43.77 0.31
C GLY C 139 20.21 43.01 1.54
N PHE C 140 19.29 42.75 2.46
CA PHE C 140 19.63 42.02 3.67
C PHE C 140 19.85 40.56 3.33
N LEU C 141 18.91 39.96 2.61
CA LEU C 141 18.98 38.54 2.22
C LEU C 141 20.01 38.23 1.15
N PHE C 142 20.16 39.11 0.18
CA PHE C 142 21.11 38.90 -0.91
C PHE C 142 21.91 40.18 -1.13
N GLY C 143 22.22 40.46 -2.40
CA GLY C 143 22.96 41.67 -2.71
C GLY C 143 24.40 41.64 -2.24
N ASN C 144 24.66 40.87 -1.20
CA ASN C 144 26.02 40.76 -0.73
C ASN C 144 26.48 39.34 -1.02
N SER C 145 25.60 38.57 -1.68
CA SER C 145 25.87 37.18 -2.03
C SER C 145 26.17 37.09 -3.51
N VAL C 146 26.98 36.09 -3.87
CA VAL C 146 27.39 35.86 -5.25
C VAL C 146 27.37 34.38 -5.56
N VAL C 147 27.02 34.03 -6.79
CA VAL C 147 26.98 32.62 -7.19
C VAL C 147 28.16 32.30 -8.08
N VAL C 148 28.80 31.17 -7.81
CA VAL C 148 29.93 30.72 -8.62
C VAL C 148 29.69 29.29 -9.13
N GLU C 149 30.67 28.71 -9.82
CA GLU C 149 30.49 27.37 -10.36
C GLU C 149 30.72 26.25 -9.38
N THR C 150 31.96 26.19 -8.87
CA THR C 150 32.37 25.15 -7.94
C THR C 150 32.89 25.67 -6.61
N LEU C 151 32.87 24.80 -5.62
CA LEU C 151 33.34 25.15 -4.28
C LEU C 151 34.80 25.61 -4.28
N ASP C 152 35.56 25.17 -5.28
CA ASP C 152 36.95 25.57 -5.37
C ASP C 152 37.01 27.03 -5.78
N ASP C 153 36.15 27.38 -6.72
CA ASP C 153 36.08 28.75 -7.19
C ASP C 153 35.79 29.56 -5.96
N ALA C 154 34.83 29.06 -5.20
CA ALA C 154 34.39 29.71 -3.98
C ALA C 154 35.53 29.95 -3.00
N ILE C 155 36.21 28.88 -2.62
CA ILE C 155 37.31 29.00 -1.69
C ILE C 155 38.38 29.98 -2.18
N ARG C 156 38.75 29.89 -3.46
CA ARG C 156 39.75 30.80 -4.02
C ARG C 156 39.29 32.24 -3.83
N MET C 157 38.12 32.54 -4.38
CA MET C 157 37.55 33.88 -4.29
C MET C 157 37.54 34.40 -2.85
N LYS C 158 36.98 33.60 -1.94
CA LYS C 158 36.91 33.99 -0.53
C LYS C 158 38.28 34.32 0.05
N LYS C 159 39.34 33.72 -0.49
CA LYS C 159 40.69 34.01 0.02
C LYS C 159 41.27 35.29 -0.60
N LYS C 160 40.98 35.52 -1.87
CA LYS C 160 41.49 36.70 -2.58
C LYS C 160 40.93 38.01 -2.03
N TYR C 161 39.62 38.14 -2.06
CA TYR C 161 39.00 39.36 -1.58
C TYR C 161 38.83 39.35 -0.07
N ARG C 162 38.89 38.15 0.49
CA ARG C 162 38.75 37.97 1.93
C ARG C 162 37.88 39.03 2.58
N LEU C 163 36.64 39.15 2.10
CA LEU C 163 35.70 40.10 2.65
C LEU C 163 34.60 39.34 3.39
N ASN C 164 33.41 39.93 3.44
CA ASN C 164 32.30 39.27 4.11
C ASN C 164 31.19 39.01 3.10
N THR C 165 31.56 38.52 1.92
CA THR C 165 30.55 38.23 0.89
C THR C 165 30.12 36.76 1.00
N ARG C 166 28.82 36.52 0.86
CA ARG C 166 28.29 35.16 0.89
C ARG C 166 28.52 34.60 -0.52
N ILE C 167 28.82 33.30 -0.60
CA ILE C 167 29.07 32.68 -1.89
C ILE C 167 28.39 31.31 -2.01
N ALA C 168 27.63 31.13 -3.08
CA ALA C 168 26.97 29.85 -3.29
C ALA C 168 27.47 29.24 -4.60
N THR C 169 27.74 27.93 -4.57
CA THR C 169 28.18 27.20 -5.75
C THR C 169 26.93 26.68 -6.46
N LEU C 170 27.12 26.16 -7.67
CA LEU C 170 26.02 25.62 -8.44
C LEU C 170 25.60 24.25 -7.92
N ASP C 171 26.50 23.60 -7.18
CA ASP C 171 26.19 22.30 -6.60
C ASP C 171 25.41 22.45 -5.31
N GLY C 172 25.38 23.66 -4.77
CA GLY C 172 24.62 23.90 -3.56
C GLY C 172 25.41 24.27 -2.31
N GLU C 173 26.74 24.30 -2.39
CA GLU C 173 27.56 24.65 -1.22
C GLU C 173 27.43 26.13 -0.98
N LEU C 174 27.78 26.56 0.23
CA LEU C 174 27.72 27.96 0.64
C LEU C 174 28.89 28.30 1.53
N ILE C 175 29.47 29.49 1.33
CA ILE C 175 30.56 29.92 2.19
C ILE C 175 30.07 31.22 2.80
N SER C 176 29.91 31.22 4.11
CA SER C 176 29.44 32.39 4.82
C SER C 176 30.46 33.49 4.71
N GLY C 177 30.05 34.70 5.02
CA GLY C 177 30.96 35.83 4.95
C GLY C 177 32.24 35.61 5.73
N ARG C 178 32.13 34.99 6.90
CA ARG C 178 33.33 34.77 7.71
C ARG C 178 34.08 33.50 7.38
N GLY C 179 33.57 32.70 6.44
CA GLY C 179 34.30 31.51 6.05
C GLY C 179 33.73 30.13 6.33
N ALA C 180 32.55 30.07 6.93
CA ALA C 180 31.97 28.77 7.23
C ALA C 180 31.49 28.11 5.96
N ILE C 181 31.81 26.82 5.80
CA ILE C 181 31.36 26.08 4.62
C ILE C 181 30.21 25.12 4.92
N THR C 182 29.08 25.33 4.24
CA THR C 182 27.91 24.48 4.42
C THR C 182 27.71 23.70 3.13
N GLY C 183 27.48 22.41 3.23
CA GLY C 183 27.29 21.62 2.04
C GLY C 183 26.71 20.25 2.32
N GLY C 184 26.64 19.42 1.30
CA GLY C 184 26.06 18.10 1.45
C GLY C 184 24.64 18.13 0.91
N ARG C 185 23.92 17.02 0.90
CA ARG C 185 22.58 17.03 0.36
C ARG C 185 21.59 16.19 1.17
N GLU C 186 20.48 16.78 1.59
CA GLU C 186 19.49 16.04 2.36
C GLU C 186 18.65 15.14 1.47
N GLU C 187 18.23 14.00 2.02
CA GLU C 187 17.44 13.02 1.28
C GLU C 187 16.22 13.61 0.59
N ARG C 188 15.31 14.16 1.38
CA ARG C 188 14.09 14.72 0.84
C ARG C 188 14.38 16.09 0.26
N SER C 189 14.42 16.18 -1.08
CA SER C 189 14.65 17.46 -1.73
C SER C 189 13.69 18.46 -1.11
N SER C 190 12.42 18.29 -1.44
CA SER C 190 11.33 19.13 -0.93
C SER C 190 11.86 20.47 -0.42
N ASN C 191 11.87 21.47 -1.30
CA ASN C 191 12.32 22.80 -0.92
C ASN C 191 11.37 23.90 -1.37
N VAL C 192 11.15 24.80 -0.41
CA VAL C 192 10.31 25.99 -0.45
C VAL C 192 9.68 26.39 -1.78
N PHE C 193 8.52 27.03 -1.70
CA PHE C 193 7.79 27.50 -2.89
C PHE C 193 6.96 26.41 -3.58
N GLU C 194 7.13 25.16 -3.21
CA GLU C 194 6.37 24.09 -3.84
C GLU C 194 4.86 24.40 -3.91
N ARG C 195 4.26 24.83 -2.80
CA ARG C 195 2.83 25.19 -2.79
C ARG C 195 2.57 26.45 -3.64
N ARG C 196 3.40 27.45 -3.42
CA ARG C 196 3.27 28.70 -4.13
C ARG C 196 3.25 28.33 -5.62
N ILE C 197 4.12 27.41 -6.00
CA ILE C 197 4.21 26.97 -7.40
C ILE C 197 2.96 26.19 -7.79
N LYS C 198 2.80 25.04 -7.15
CA LYS C 198 1.67 24.15 -7.39
C LYS C 198 0.42 24.97 -7.65
N LEU C 199 0.27 26.08 -6.93
CA LEU C 199 -0.90 26.92 -7.07
C LEU C 199 -1.04 27.63 -8.40
N LYS C 200 0.05 28.17 -8.93
CA LYS C 200 -0.08 28.85 -10.21
C LYS C 200 -0.15 27.81 -11.32
N HIS C 201 0.38 26.62 -11.04
CA HIS C 201 0.31 25.54 -12.01
C HIS C 201 -1.16 25.14 -12.13
N LEU C 202 -1.89 25.25 -11.01
CA LEU C 202 -3.31 24.91 -10.99
C LEU C 202 -4.13 26.10 -11.48
N GLU C 203 -3.86 27.28 -10.92
CA GLU C 203 -4.57 28.50 -11.32
C GLU C 203 -4.46 28.55 -12.83
N GLN C 204 -3.25 28.25 -13.31
CA GLN C 204 -2.98 28.21 -14.73
C GLN C 204 -3.95 27.21 -15.38
N GLU C 205 -3.72 25.92 -15.17
CA GLU C 205 -4.57 24.86 -15.74
C GLU C 205 -6.08 25.05 -15.58
N MET C 206 -6.52 26.04 -14.81
CA MET C 206 -7.97 26.23 -14.65
C MET C 206 -8.52 26.95 -15.89
N GLU C 207 -8.77 26.17 -16.93
CA GLU C 207 -9.28 26.70 -18.19
C GLU C 207 -9.97 25.67 -19.08
N ILE D 10 28.07 5.27 40.40
CA ILE D 10 28.88 6.52 40.20
C ILE D 10 29.85 6.27 39.04
N GLN D 11 30.54 5.14 39.13
CA GLN D 11 31.51 4.68 38.15
C GLN D 11 30.72 4.25 36.91
N PHE D 12 29.44 4.00 37.15
CA PHE D 12 28.51 3.53 36.14
C PHE D 12 28.27 4.44 34.96
N GLU D 13 27.55 5.54 35.20
CA GLU D 13 27.22 6.48 34.13
C GLU D 13 28.41 7.14 33.46
N LYS D 14 29.58 7.08 34.09
CA LYS D 14 30.75 7.67 33.47
C LYS D 14 30.87 6.98 32.12
N GLU D 15 30.36 5.75 32.05
CA GLU D 15 30.37 4.94 30.84
C GLU D 15 29.26 5.38 29.91
N MET D 16 28.02 5.14 30.34
CA MET D 16 26.84 5.46 29.56
C MET D 16 26.81 6.86 28.96
N ILE D 17 27.04 7.87 29.81
CA ILE D 17 27.04 9.27 29.35
C ILE D 17 28.42 9.63 28.81
N GLU D 18 28.93 8.72 27.99
CA GLU D 18 30.26 8.88 27.39
C GLU D 18 30.36 7.88 26.26
N ARG D 19 29.48 6.89 26.32
CA ARG D 19 29.47 5.87 25.31
C ARG D 19 28.76 6.51 24.15
N ASP D 20 27.60 7.09 24.42
CA ASP D 20 26.85 7.74 23.36
C ASP D 20 27.48 9.11 23.04
N MET D 21 28.34 9.61 23.93
CA MET D 21 29.01 10.89 23.66
C MET D 21 29.85 10.56 22.43
N ARG D 22 30.44 9.37 22.45
CA ARG D 22 31.27 8.89 21.36
C ARG D 22 30.40 8.52 20.15
N GLU D 23 29.21 7.95 20.40
CA GLU D 23 28.29 7.58 19.33
C GLU D 23 27.63 8.85 18.77
N TYR D 24 28.14 10.02 19.15
CA TYR D 24 27.56 11.27 18.70
C TYR D 24 26.02 11.22 18.74
N ARG D 25 25.49 10.82 19.90
CA ARG D 25 24.04 10.69 20.11
C ARG D 25 23.31 12.04 20.17
N GLY D 26 22.12 12.10 19.60
CA GLY D 26 21.36 13.33 19.62
C GLY D 26 21.85 14.43 18.69
N PHE D 27 22.75 14.09 17.77
CA PHE D 27 23.26 15.07 16.85
C PHE D 27 22.56 15.00 15.50
N SER D 28 22.93 15.89 14.58
CA SER D 28 22.33 15.87 13.27
C SER D 28 22.63 14.52 12.64
N ARG D 29 21.65 13.96 11.92
CA ARG D 29 21.84 12.67 11.30
C ARG D 29 23.19 12.75 10.61
N ALA D 30 23.24 13.64 9.63
CA ALA D 30 24.44 13.91 8.86
C ALA D 30 25.68 13.98 9.74
N VAL D 31 25.62 14.81 10.77
CA VAL D 31 26.80 14.91 11.64
C VAL D 31 27.24 13.53 12.13
N ARG D 32 26.28 12.64 12.35
CA ARG D 32 26.58 11.29 12.82
C ARG D 32 27.28 10.46 11.73
N ALA D 33 26.68 10.42 10.53
CA ALA D 33 27.29 9.69 9.43
C ALA D 33 28.76 10.10 9.31
N VAL D 34 29.01 11.40 9.33
CA VAL D 34 30.37 11.87 9.21
C VAL D 34 31.28 11.33 10.29
N PHE D 35 30.79 11.17 11.50
CA PHE D 35 31.69 10.70 12.54
C PHE D 35 31.94 9.20 12.65
N GLU D 36 31.03 8.39 12.12
CA GLU D 36 31.25 6.95 12.16
C GLU D 36 32.13 6.55 10.98
N GLU D 37 32.55 7.54 10.21
CA GLU D 37 33.41 7.34 9.05
C GLU D 37 34.61 8.23 9.28
N LYS D 38 34.76 8.67 10.53
CA LYS D 38 35.82 9.57 10.91
C LYS D 38 37.23 9.20 10.44
N GLU D 39 37.41 7.97 9.95
CA GLU D 39 38.72 7.55 9.47
C GLU D 39 38.99 8.18 8.10
N ARG D 40 37.97 8.21 7.25
CA ARG D 40 38.10 8.80 5.92
C ARG D 40 38.55 10.25 5.98
N PHE D 41 38.40 10.88 7.15
CA PHE D 41 38.74 12.29 7.30
C PHE D 41 39.77 12.63 8.36
N PRO D 42 41.02 12.24 8.13
CA PRO D 42 42.10 12.52 9.09
C PRO D 42 42.18 13.98 9.53
N GLY D 43 41.75 14.89 8.67
CA GLY D 43 41.79 16.29 9.01
C GLY D 43 40.71 16.73 9.99
N LEU D 44 39.80 15.82 10.27
CA LEU D 44 38.68 16.05 11.17
C LEU D 44 39.13 16.34 12.61
N VAL D 45 38.44 17.27 13.27
CA VAL D 45 38.77 17.60 14.65
C VAL D 45 37.59 17.18 15.50
N ASP D 46 36.66 18.09 15.76
CA ASP D 46 35.48 17.73 16.54
C ASP D 46 34.39 18.77 16.30
N VAL D 47 33.19 18.53 16.82
CA VAL D 47 32.09 19.50 16.67
C VAL D 47 32.37 20.60 17.70
N VAL D 48 31.99 21.83 17.38
CA VAL D 48 32.23 22.95 18.29
C VAL D 48 31.96 22.70 19.77
N SER D 49 30.79 22.17 20.10
CA SER D 49 30.44 21.95 21.50
C SER D 49 31.41 21.07 22.30
N ASN D 50 32.35 20.43 21.63
CA ASN D 50 33.31 19.59 22.33
C ASN D 50 34.67 20.25 22.45
N LEU D 51 34.82 21.43 21.88
CA LEU D 51 36.12 22.09 21.94
C LEU D 51 36.12 23.36 22.77
N ILE D 52 34.96 23.76 23.27
CA ILE D 52 34.92 24.97 24.09
C ILE D 52 35.12 24.61 25.55
N GLU D 53 35.76 25.52 26.26
CA GLU D 53 36.04 25.37 27.68
C GLU D 53 35.26 26.48 28.37
N VAL D 54 34.29 26.09 29.19
CA VAL D 54 33.48 27.08 29.89
C VAL D 54 32.99 26.55 31.23
N ASP D 55 32.83 27.46 32.19
CA ASP D 55 32.37 27.13 33.53
C ASP D 55 30.88 26.85 33.63
N GLU D 56 30.54 25.81 34.39
CA GLU D 56 29.15 25.41 34.54
C GLU D 56 28.16 26.57 34.56
N LYS D 57 28.57 27.69 35.14
CA LYS D 57 27.70 28.86 35.24
C LYS D 57 27.31 29.28 33.85
N TYR D 58 28.25 29.91 33.19
CA TYR D 58 28.04 30.41 31.83
C TYR D 58 27.77 29.27 30.85
N SER D 59 27.80 28.04 31.36
CA SER D 59 27.56 26.87 30.55
C SER D 59 26.36 27.11 29.63
N LEU D 60 25.23 27.47 30.21
CA LEU D 60 24.03 27.69 29.40
C LEU D 60 24.07 28.98 28.57
N ALA D 61 24.67 30.03 29.12
CA ALA D 61 24.76 31.30 28.39
C ALA D 61 25.39 31.06 27.02
N VAL D 62 26.62 30.56 27.03
CA VAL D 62 27.39 30.25 25.83
C VAL D 62 26.58 29.37 24.87
N SER D 63 25.94 28.35 25.43
CA SER D 63 25.10 27.46 24.66
C SER D 63 24.16 28.27 23.74
N VAL D 64 23.30 29.09 24.34
CA VAL D 64 22.34 29.93 23.59
C VAL D 64 23.01 30.91 22.61
N LEU D 65 24.25 31.28 22.92
CA LEU D 65 24.98 32.21 22.09
C LEU D 65 25.36 31.56 20.77
N LEU D 66 25.34 30.23 20.77
CA LEU D 66 25.70 29.44 19.59
C LEU D 66 24.51 29.03 18.77
N GLY D 67 23.72 28.15 19.35
CA GLY D 67 22.56 27.63 18.68
C GLY D 67 22.95 26.47 17.80
N GLY D 68 22.75 26.62 16.50
CA GLY D 68 23.08 25.54 15.59
C GLY D 68 24.57 25.40 15.36
N THR D 69 25.30 26.48 15.62
CA THR D 69 26.74 26.47 15.41
C THR D 69 27.38 25.47 16.33
N ALA D 70 26.61 24.97 17.29
CA ALA D 70 27.11 23.98 18.24
C ALA D 70 27.58 22.71 17.54
N GLN D 71 26.85 22.32 16.50
CA GLN D 71 27.24 21.13 15.77
C GLN D 71 27.88 21.38 14.43
N ASN D 72 28.61 22.48 14.34
CA ASN D 72 29.36 22.79 13.13
C ASN D 72 30.57 21.89 13.32
N ILE D 73 31.08 21.32 12.25
CA ILE D 73 32.24 20.45 12.35
C ILE D 73 33.55 21.19 12.09
N VAL D 74 34.44 21.21 13.06
CA VAL D 74 35.74 21.86 12.89
C VAL D 74 36.76 20.91 12.25
N VAL D 75 37.43 21.36 11.20
CA VAL D 75 38.44 20.56 10.51
C VAL D 75 39.71 21.38 10.35
N ARG D 76 40.83 20.68 10.14
CA ARG D 76 42.14 21.32 9.99
C ARG D 76 42.31 22.14 8.72
N ASN D 77 41.83 21.59 7.60
CA ASN D 77 41.97 22.26 6.31
C ASN D 77 40.80 22.08 5.35
N VAL D 78 40.81 22.91 4.31
CA VAL D 78 39.77 22.92 3.30
C VAL D 78 39.56 21.59 2.58
N ASP D 79 40.64 20.83 2.40
CA ASP D 79 40.51 19.57 1.70
C ASP D 79 39.60 18.61 2.45
N THR D 80 39.83 18.53 3.76
CA THR D 80 39.02 17.68 4.61
C THR D 80 37.55 18.08 4.46
N ALA D 81 37.34 19.39 4.30
CA ALA D 81 36.00 19.94 4.12
C ALA D 81 35.39 19.40 2.84
N LYS D 82 36.14 19.57 1.75
CA LYS D 82 35.72 19.11 0.44
C LYS D 82 35.42 17.62 0.48
N ALA D 83 36.28 16.89 1.19
CA ALA D 83 36.12 15.44 1.33
C ALA D 83 34.75 15.12 1.91
N ILE D 84 34.44 15.78 3.02
CA ILE D 84 33.19 15.57 3.72
C ILE D 84 32.00 15.97 2.86
N VAL D 85 32.08 17.16 2.27
CA VAL D 85 30.99 17.64 1.44
C VAL D 85 30.72 16.64 0.32
N GLU D 86 31.77 16.02 -0.19
CA GLU D 86 31.61 15.05 -1.26
C GLU D 86 31.00 13.78 -0.73
N PHE D 87 31.52 13.32 0.42
CA PHE D 87 31.01 12.11 1.06
C PHE D 87 29.51 12.20 1.28
N LEU D 88 29.08 13.30 1.86
CA LEU D 88 27.67 13.51 2.14
C LEU D 88 26.86 13.61 0.88
N LYS D 89 27.38 14.35 -0.09
CA LYS D 89 26.68 14.55 -1.36
C LYS D 89 26.42 13.24 -2.11
N GLN D 90 27.24 12.22 -1.85
CA GLN D 90 27.07 10.92 -2.50
C GLN D 90 25.93 10.13 -1.89
N ASN D 91 26.06 9.85 -0.59
CA ASN D 91 25.08 9.06 0.14
C ASN D 91 23.85 9.83 0.58
N GLU D 92 23.69 11.06 0.07
CA GLU D 92 22.55 11.90 0.42
C GLU D 92 22.21 11.84 1.90
N ALA D 93 23.25 11.82 2.75
CA ALA D 93 23.11 11.74 4.20
C ALA D 93 22.71 13.03 4.89
N GLY D 94 22.50 14.09 4.11
CA GLY D 94 22.13 15.37 4.68
C GLY D 94 23.23 16.42 4.57
N ARG D 95 22.93 17.62 5.09
CA ARG D 95 23.88 18.74 5.05
C ARG D 95 24.51 19.03 6.43
N VAL D 96 25.64 19.71 6.40
CA VAL D 96 26.34 20.08 7.61
C VAL D 96 27.12 21.35 7.34
N THR D 97 27.61 21.98 8.40
CA THR D 97 28.39 23.19 8.23
C THR D 97 29.76 22.91 8.79
N ILE D 98 30.75 23.07 7.92
CA ILE D 98 32.14 22.80 8.25
C ILE D 98 32.88 24.08 8.45
N LEU D 99 33.75 24.10 9.47
CA LEU D 99 34.57 25.26 9.76
C LEU D 99 36.04 24.90 9.57
N PRO D 100 36.59 25.17 8.39
CA PRO D 100 38.01 24.84 8.17
C PRO D 100 38.93 25.86 8.84
N LEU D 101 39.84 25.37 9.67
CA LEU D 101 40.74 26.24 10.40
C LEU D 101 41.61 27.12 9.54
N ASP D 102 41.82 26.70 8.30
CA ASP D 102 42.65 27.45 7.36
C ASP D 102 41.84 28.38 6.48
N LEU D 103 40.55 28.56 6.80
CA LEU D 103 39.70 29.41 5.99
C LEU D 103 38.85 30.42 6.77
N ILE D 104 38.38 30.03 7.94
CA ILE D 104 37.54 30.92 8.74
C ILE D 104 38.29 32.15 9.21
N ASP D 105 37.57 33.26 9.27
CA ASP D 105 38.11 34.54 9.71
C ASP D 105 37.93 34.67 11.20
N GLY D 106 39.02 34.92 11.90
CA GLY D 106 38.92 35.05 13.35
C GLY D 106 39.13 36.46 13.82
N SER D 107 39.24 37.41 12.89
CA SER D 107 39.46 38.80 13.27
C SER D 107 38.27 39.34 14.03
N PHE D 108 38.53 40.23 14.97
CA PHE D 108 37.50 40.82 15.79
C PHE D 108 38.00 42.13 16.38
N ASN D 109 37.11 43.10 16.56
CA ASN D 109 37.55 44.37 17.13
C ASN D 109 36.85 44.80 18.40
N ARG D 110 37.60 45.50 19.23
CA ARG D 110 37.10 46.03 20.49
C ARG D 110 36.81 47.52 20.23
N ILE D 111 35.79 48.08 20.86
CA ILE D 111 35.50 49.49 20.63
C ILE D 111 35.69 50.20 21.97
N SER D 112 36.19 51.43 21.92
CA SER D 112 36.40 52.20 23.13
C SER D 112 35.09 52.80 23.64
N GLY D 113 34.90 52.74 24.96
CA GLY D 113 33.70 53.29 25.55
C GLY D 113 32.50 52.36 25.54
N LEU D 114 32.58 51.26 24.80
CA LEU D 114 31.47 50.33 24.73
C LEU D 114 31.09 49.85 26.13
N GLU D 115 32.10 49.61 26.96
CA GLU D 115 31.87 49.16 28.33
C GLU D 115 31.10 50.20 29.13
N ASN D 116 31.07 51.43 28.63
CA ASN D 116 30.36 52.51 29.30
C ASN D 116 29.01 52.77 28.64
N GLU D 117 28.49 51.77 27.93
CA GLU D 117 27.21 51.92 27.25
C GLU D 117 26.10 51.33 28.08
N ARG D 118 24.88 51.84 27.89
CA ARG D 118 23.71 51.41 28.63
C ARG D 118 23.43 49.91 28.68
N GLY D 119 23.55 49.33 29.88
CA GLY D 119 23.28 47.92 30.02
C GLY D 119 24.37 46.96 29.59
N PHE D 120 25.57 47.48 29.31
CA PHE D 120 26.68 46.63 28.93
C PHE D 120 26.85 45.51 29.97
N VAL D 121 27.58 44.46 29.63
CA VAL D 121 27.75 43.35 30.57
C VAL D 121 29.02 42.54 30.29
N GLY D 122 29.83 43.01 29.36
CA GLY D 122 31.05 42.28 29.07
C GLY D 122 31.10 41.60 27.71
N TYR D 123 32.33 41.25 27.31
CA TYR D 123 32.55 40.59 26.02
C TYR D 123 32.32 39.08 26.10
N ALA D 124 31.70 38.55 25.05
CA ALA D 124 31.41 37.12 25.01
C ALA D 124 32.67 36.26 25.10
N VAL D 125 33.73 36.70 24.43
CA VAL D 125 34.98 35.95 24.45
C VAL D 125 35.45 35.67 25.86
N ASP D 126 35.16 36.60 26.78
CA ASP D 126 35.59 36.45 28.17
C ASP D 126 34.94 35.29 28.95
N LEU D 127 34.03 34.56 28.31
CA LEU D 127 33.37 33.46 28.99
C LEU D 127 33.79 32.14 28.41
N VAL D 128 34.89 32.13 27.66
CA VAL D 128 35.34 30.88 27.06
C VAL D 128 36.85 30.72 26.98
N LYS D 129 37.31 29.47 26.88
CA LYS D 129 38.73 29.15 26.80
C LYS D 129 38.95 28.24 25.61
N PHE D 130 40.07 28.43 24.94
CA PHE D 130 40.40 27.62 23.77
C PHE D 130 41.86 27.13 23.81
N PRO D 131 42.08 25.89 23.33
CA PRO D 131 43.41 25.33 23.31
C PRO D 131 44.44 25.95 22.36
N SER D 132 44.60 27.26 22.40
CA SER D 132 45.57 27.98 21.56
C SER D 132 45.61 27.62 20.07
N ASP D 133 45.84 26.35 19.75
CA ASP D 133 45.87 25.93 18.35
C ASP D 133 44.47 26.09 17.77
N LEU D 134 43.59 26.67 18.59
CA LEU D 134 42.21 26.91 18.19
C LEU D 134 41.81 28.38 18.42
N GLU D 135 42.79 29.23 18.67
CA GLU D 135 42.53 30.64 18.92
C GLU D 135 41.61 31.30 17.87
N VAL D 136 41.78 31.00 16.59
CA VAL D 136 40.92 31.60 15.57
C VAL D 136 39.49 31.17 15.81
N LEU D 137 39.27 29.88 15.96
CA LEU D 137 37.93 29.36 16.20
C LEU D 137 37.26 30.25 17.24
N GLY D 138 38.05 30.76 18.18
CA GLY D 138 37.51 31.63 19.20
C GLY D 138 37.07 32.99 18.66
N GLY D 139 37.96 33.65 17.91
CA GLY D 139 37.63 34.94 17.32
C GLY D 139 36.49 34.82 16.31
N PHE D 140 36.38 33.64 15.70
CA PHE D 140 35.33 33.38 14.72
C PHE D 140 33.97 33.23 15.42
N LEU D 141 33.92 32.42 16.48
CA LEU D 141 32.67 32.20 17.21
C LEU D 141 32.27 33.36 18.11
N PHE D 142 33.23 34.04 18.74
CA PHE D 142 32.91 35.15 19.63
C PHE D 142 33.84 36.31 19.32
N GLY D 143 34.25 37.03 20.35
CA GLY D 143 35.17 38.13 20.13
C GLY D 143 34.53 39.30 19.41
N ASN D 144 33.51 39.02 18.61
CA ASN D 144 32.84 40.09 17.91
C ASN D 144 31.44 40.20 18.50
N SER D 145 31.20 39.37 19.51
CA SER D 145 29.91 39.31 20.21
C SER D 145 30.00 40.01 21.55
N VAL D 146 28.88 40.56 21.99
CA VAL D 146 28.79 41.29 23.26
C VAL D 146 27.52 40.91 24.00
N VAL D 147 27.60 40.86 25.33
CA VAL D 147 26.43 40.55 26.12
C VAL D 147 25.88 41.81 26.80
N VAL D 148 24.56 41.98 26.77
CA VAL D 148 23.95 43.12 27.43
C VAL D 148 22.84 42.60 28.34
N GLU D 149 22.10 43.53 28.96
CA GLU D 149 21.04 43.15 29.89
C GLU D 149 19.72 42.76 29.25
N THR D 150 19.15 43.71 28.52
CA THR D 150 17.85 43.52 27.89
C THR D 150 17.88 43.75 26.38
N LEU D 151 16.88 43.20 25.70
CA LEU D 151 16.74 43.35 24.26
C LEU D 151 16.65 44.82 23.82
N ASP D 152 16.22 45.68 24.73
CA ASP D 152 16.11 47.11 24.41
C ASP D 152 17.50 47.71 24.36
N ASP D 153 18.32 47.29 25.31
CA ASP D 153 19.69 47.77 25.37
C ASP D 153 20.29 47.35 24.03
N ALA D 154 20.01 46.11 23.66
CA ALA D 154 20.51 45.54 22.42
C ALA D 154 20.11 46.39 21.24
N ILE D 155 18.80 46.59 21.06
CA ILE D 155 18.33 47.36 19.92
C ILE D 155 18.96 48.76 19.86
N ARG D 156 19.05 49.43 21.00
CA ARG D 156 19.62 50.77 21.05
C ARG D 156 21.07 50.72 20.55
N MET D 157 21.86 49.86 21.19
CA MET D 157 23.26 49.71 20.85
C MET D 157 23.42 49.42 19.37
N LYS D 158 22.66 48.46 18.85
CA LYS D 158 22.75 48.09 17.46
C LYS D 158 22.47 49.25 16.53
N LYS D 159 21.70 50.23 17.00
CA LYS D 159 21.38 51.39 16.17
C LYS D 159 22.45 52.48 16.27
N LYS D 160 23.04 52.62 17.45
CA LYS D 160 24.07 53.63 17.66
C LYS D 160 25.33 53.35 16.86
N TYR D 161 25.95 52.20 17.13
CA TYR D 161 27.18 51.82 16.44
C TYR D 161 26.92 51.24 15.07
N ARG D 162 25.69 50.76 14.87
CA ARG D 162 25.26 50.16 13.62
C ARG D 162 26.39 49.45 12.88
N LEU D 163 27.04 48.52 13.56
CA LEU D 163 28.13 47.78 12.95
C LEU D 163 27.67 46.35 12.71
N ASN D 164 28.60 45.41 12.75
CA ASN D 164 28.26 44.01 12.54
C ASN D 164 28.62 43.23 13.80
N THR D 165 28.25 43.76 14.95
CA THR D 165 28.56 43.08 16.19
C THR D 165 27.36 42.24 16.63
N ARG D 166 27.62 41.02 17.09
CA ARG D 166 26.56 40.14 17.56
C ARG D 166 26.26 40.60 18.98
N ILE D 167 25.00 40.51 19.39
CA ILE D 167 24.60 40.92 20.71
C ILE D 167 23.61 39.96 21.33
N ALA D 168 23.94 39.50 22.55
CA ALA D 168 23.07 38.59 23.28
C ALA D 168 22.58 39.25 24.58
N THR D 169 21.29 39.11 24.87
CA THR D 169 20.73 39.65 26.10
C THR D 169 20.83 38.59 27.17
N LEU D 170 20.57 38.97 28.41
CA LEU D 170 20.61 38.04 29.54
C LEU D 170 19.42 37.11 29.53
N ASP D 171 18.35 37.53 28.85
CA ASP D 171 17.15 36.72 28.75
C ASP D 171 17.30 35.66 27.69
N GLY D 172 18.29 35.82 26.81
CA GLY D 172 18.48 34.83 25.78
C GLY D 172 18.28 35.30 24.35
N GLU D 173 17.86 36.55 24.14
CA GLU D 173 17.69 37.05 22.78
C GLU D 173 19.05 37.26 22.14
N LEU D 174 19.04 37.39 20.81
CA LEU D 174 20.26 37.62 20.05
C LEU D 174 19.96 38.56 18.89
N ILE D 175 20.89 39.45 18.59
CA ILE D 175 20.73 40.32 17.42
C ILE D 175 21.95 40.05 16.55
N SER D 176 21.74 39.51 15.36
CA SER D 176 22.85 39.22 14.47
C SER D 176 23.52 40.52 14.02
N GLY D 177 24.75 40.40 13.53
CA GLY D 177 25.48 41.57 13.06
C GLY D 177 24.67 42.41 12.09
N ARG D 178 23.86 41.80 11.25
CA ARG D 178 23.07 42.58 10.29
C ARG D 178 21.72 43.06 10.79
N GLY D 179 21.32 42.63 11.98
CA GLY D 179 20.05 43.10 12.50
C GLY D 179 18.94 42.10 12.77
N ALA D 180 19.16 40.83 12.47
CA ALA D 180 18.14 39.83 12.71
C ALA D 180 17.96 39.54 14.21
N ILE D 181 16.72 39.49 14.67
CA ILE D 181 16.46 39.23 16.08
C ILE D 181 15.92 37.82 16.32
N THR D 182 16.65 37.06 17.11
CA THR D 182 16.23 35.69 17.44
C THR D 182 15.87 35.67 18.92
N GLY D 183 14.73 35.07 19.25
CA GLY D 183 14.34 35.02 20.64
C GLY D 183 13.26 33.99 20.88
N GLY D 184 12.70 34.01 22.08
CA GLY D 184 11.66 33.06 22.43
C GLY D 184 12.27 32.01 23.34
N ARG D 185 11.44 31.23 24.01
CA ARG D 185 11.93 30.19 24.90
C ARG D 185 11.10 28.95 24.64
N GLU D 186 11.49 27.83 25.22
CA GLU D 186 10.69 26.65 24.97
C GLU D 186 10.84 25.49 25.95
N GLU D 187 10.40 24.33 25.47
CA GLU D 187 10.44 23.10 26.23
C GLU D 187 11.87 22.59 26.30
N ARG D 188 12.35 22.44 27.54
CA ARG D 188 13.69 21.94 27.86
C ARG D 188 14.71 23.08 27.93
N SER D 189 15.74 22.87 28.74
CA SER D 189 16.77 23.87 28.95
C SER D 189 17.89 23.70 27.91
N SER D 190 17.84 22.59 27.17
CA SER D 190 18.84 22.33 26.14
C SER D 190 20.25 22.37 26.73
N ASN D 191 20.98 23.44 26.41
CA ASN D 191 22.35 23.62 26.87
C ASN D 191 23.24 22.42 26.65
N VAL D 192 24.19 22.56 25.72
CA VAL D 192 25.14 21.50 25.41
C VAL D 192 26.07 21.42 26.61
N PHE D 193 27.34 21.09 26.39
CA PHE D 193 28.29 21.01 27.49
C PHE D 193 27.75 20.15 28.65
N GLU D 194 26.47 19.81 28.58
CA GLU D 194 25.81 19.00 29.58
C GLU D 194 26.67 17.78 29.85
N ARG D 195 26.61 16.82 28.93
CA ARG D 195 27.35 15.57 29.01
C ARG D 195 28.81 15.81 29.41
N ARG D 196 29.37 16.95 29.01
CA ARG D 196 30.74 17.22 29.38
C ARG D 196 30.76 17.68 30.82
N ILE D 197 30.02 18.74 31.12
CA ILE D 197 29.97 19.27 32.47
C ILE D 197 29.67 18.16 33.47
N LYS D 198 28.80 17.24 33.05
CA LYS D 198 28.42 16.12 33.89
C LYS D 198 29.63 15.20 34.14
N LEU D 199 30.29 14.75 33.08
CA LEU D 199 31.46 13.88 33.20
C LEU D 199 32.56 14.64 33.93
N LYS D 200 32.45 15.96 33.90
CA LYS D 200 33.43 16.82 34.53
C LYS D 200 33.31 16.62 36.02
N HIS D 201 32.06 16.54 36.49
CA HIS D 201 31.79 16.35 37.91
C HIS D 201 32.11 14.92 38.34
N LEU D 202 31.56 13.96 37.62
CA LEU D 202 31.78 12.55 37.93
C LEU D 202 33.26 12.22 38.13
N GLU D 203 34.05 12.43 37.08
CA GLU D 203 35.47 12.14 37.15
C GLU D 203 36.20 13.03 38.14
N GLN D 204 35.45 13.71 39.00
CA GLN D 204 35.99 14.59 40.03
C GLN D 204 35.54 14.02 41.36
N GLU D 205 34.26 13.71 41.45
CA GLU D 205 33.69 13.11 42.65
C GLU D 205 34.41 11.78 42.84
N MET D 206 35.05 11.31 41.77
CA MET D 206 35.79 10.06 41.81
C MET D 206 37.07 10.30 42.62
N GLU D 207 36.90 10.24 43.94
CA GLU D 207 37.98 10.44 44.89
C GLU D 207 37.58 9.76 46.20
#